data_6CLX
#
_entry.id   6CLX
#
_cell.length_a   116.220
_cell.length_b   116.220
_cell.length_c   110.400
_cell.angle_alpha   90.00
_cell.angle_beta   90.00
_cell.angle_gamma   120.00
#
_symmetry.space_group_name_H-M   'P 31 2 1'
#
loop_
_entity.id
_entity.type
_entity.pdbx_description
1 polymer O-methyltransferase
2 non-polymer S-ADENOSYLMETHIONINE
3 water water
#
_entity_poly.entity_id   1
_entity_poly.type   'polypeptide(L)'
_entity_poly.pdbx_seq_one_letter_code
;(MSE)GSSHHHHHHSSGLVPRGSH(MSE)ADDDAFVHLLRLKDT(MSE)TPWALRAVVTLGVPDLVAEGEKDVSELAQRS
GAVPDALRRVLRLLARRGVFTEPRPAVFGPTGLSRLLQSDHPRS(MSE)RPWLDLEGPVARGDRTCVHILEALRTGGPVH
ERTYGRPVWEDLAARPALGAAFDAA(MSE)AQRASWIAGDVAAGFDWSAVRHV(MSE)DVGGGTGGVLAEVLRARPGLKG
TLLDRAPTVAAGREAWGASEAGQRCTFSGGSFFDTLPSGADACLLVNVLHDWADEHALAVLRRCAEAVGPRGRVLIAEHL
VEEGAGGPGAAGLAELDLV(MSE)(MSE)LVYGGRERRLDELADLAGKAGLRIGDVS(MSE)TPRGLSLVVCEAETSAAG
;
_entity_poly.pdbx_strand_id   A,B
#
# COMPACT_ATOMS: atom_id res chain seq x y z
N ALA A 22 -21.03 3.11 -18.00
CA ALA A 22 -20.80 3.79 -16.74
C ALA A 22 -19.85 2.96 -15.87
N ASP A 23 -19.45 3.53 -14.75
CA ASP A 23 -18.47 2.92 -13.83
C ASP A 23 -19.20 2.28 -12.64
N ASP A 24 -19.78 1.12 -12.90
CA ASP A 24 -20.73 0.48 -11.97
C ASP A 24 -20.25 -0.83 -11.32
N ASP A 25 -19.09 -1.34 -11.73
CA ASP A 25 -18.60 -2.65 -11.30
C ASP A 25 -17.92 -2.56 -9.93
N ALA A 26 -18.63 -3.01 -8.91
CA ALA A 26 -18.14 -3.00 -7.51
C ALA A 26 -16.92 -3.90 -7.31
N PHE A 27 -16.81 -4.98 -8.09
CA PHE A 27 -15.65 -5.87 -8.01
C PHE A 27 -14.39 -5.12 -8.47
N VAL A 28 -14.47 -4.47 -9.63
CA VAL A 28 -13.33 -3.70 -10.17
C VAL A 28 -12.89 -2.62 -9.20
N HIS A 29 -13.86 -1.86 -8.68
CA HIS A 29 -13.60 -0.81 -7.67
C HIS A 29 -12.77 -1.31 -6.51
N LEU A 30 -13.12 -2.48 -6.01
CA LEU A 30 -12.42 -3.10 -4.89
C LEU A 30 -10.99 -3.47 -5.29
N LEU A 31 -10.79 -3.98 -6.51
CA LEU A 31 -9.44 -4.27 -7.02
C LEU A 31 -8.57 -3.02 -7.12
N ARG A 32 -9.18 -1.88 -7.46
CA ARG A 32 -8.47 -0.59 -7.45
C ARG A 32 -7.97 -0.22 -6.06
N LEU A 33 -8.79 -0.46 -5.04
CA LEU A 33 -8.45 -0.06 -3.68
C LEU A 33 -7.43 -0.96 -2.97
N LYS A 34 -7.43 -2.25 -3.29
CA LYS A 34 -6.67 -3.24 -2.50
C LYS A 34 -5.21 -3.46 -2.91
N ASP A 35 -4.78 -2.84 -4.02
CA ASP A 35 -3.42 -2.95 -4.54
C ASP A 35 -2.41 -2.30 -3.59
N THR A 36 -1.47 -3.09 -3.07
CA THR A 36 -0.35 -2.57 -2.28
C THR A 36 1.02 -2.75 -2.93
N THR A 38 1.77 -1.70 -6.22
CA THR A 38 2.00 -0.48 -7.01
C THR A 38 2.56 0.69 -6.19
N PRO A 39 1.97 1.02 -5.02
CA PRO A 39 2.53 2.13 -4.24
C PRO A 39 3.96 1.94 -3.72
N TRP A 40 4.37 0.70 -3.47
CA TRP A 40 5.75 0.42 -3.03
C TRP A 40 6.69 0.11 -4.18
N ALA A 41 6.14 -0.37 -5.30
CA ALA A 41 6.86 -0.34 -6.56
C ALA A 41 7.22 1.11 -6.89
N LEU A 42 6.25 2.02 -6.77
CA LEU A 42 6.46 3.44 -7.06
C LEU A 42 7.53 4.06 -6.16
N ARG A 43 7.31 4.02 -4.84
CA ARG A 43 8.29 4.56 -3.89
C ARG A 43 9.72 4.05 -4.11
N ALA A 44 9.87 2.75 -4.31
CA ALA A 44 11.18 2.11 -4.52
C ALA A 44 11.91 2.65 -5.76
N VAL A 45 11.18 2.70 -6.86
CA VAL A 45 11.71 3.20 -8.14
C VAL A 45 12.15 4.67 -8.07
N VAL A 46 11.41 5.49 -7.33
CA VAL A 46 11.79 6.89 -7.08
C VAL A 46 13.03 6.95 -6.17
N THR A 47 13.08 6.14 -5.12
CA THR A 47 14.25 6.04 -4.25
C THR A 47 15.53 5.72 -5.03
N LEU A 48 15.43 4.75 -5.93
CA LEU A 48 16.53 4.34 -6.80
C LEU A 48 16.76 5.28 -8.01
N GLY A 49 15.98 6.35 -8.12
CA GLY A 49 16.21 7.38 -9.13
C GLY A 49 15.98 7.00 -10.58
N VAL A 50 15.09 6.03 -10.83
CA VAL A 50 14.80 5.57 -12.21
C VAL A 50 14.14 6.66 -13.08
N PRO A 51 13.25 7.50 -12.51
CA PRO A 51 12.75 8.64 -13.26
C PRO A 51 13.85 9.54 -13.85
N ASP A 52 14.89 9.79 -13.06
CA ASP A 52 16.05 10.57 -13.49
C ASP A 52 16.85 9.83 -14.54
N LEU A 53 17.08 8.55 -14.30
CA LEU A 53 17.91 7.72 -15.19
C LEU A 53 17.31 7.56 -16.59
N VAL A 54 15.99 7.61 -16.69
CA VAL A 54 15.27 7.54 -17.97
C VAL A 54 14.80 8.88 -18.55
N ALA A 55 15.01 9.99 -17.83
CA ALA A 55 14.57 11.32 -18.28
C ALA A 55 14.96 11.63 -19.73
N GLU A 56 16.18 11.26 -20.10
CA GLU A 56 16.68 11.44 -21.46
C GLU A 56 15.98 10.56 -22.50
N GLY A 57 15.75 9.30 -22.17
CA GLY A 57 15.04 8.39 -23.07
C GLY A 57 15.21 6.95 -22.68
N GLU A 58 14.85 6.05 -23.60
CA GLU A 58 14.78 4.60 -23.36
C GLU A 58 16.09 4.04 -22.83
N LYS A 59 16.03 3.23 -21.77
CA LYS A 59 17.21 2.64 -21.15
C LYS A 59 16.89 1.18 -20.79
N ASP A 60 17.72 0.23 -21.24
CA ASP A 60 17.46 -1.19 -20.94
C ASP A 60 17.89 -1.57 -19.51
N VAL A 61 17.21 -2.58 -18.96
CA VAL A 61 17.22 -2.85 -17.52
C VAL A 61 18.64 -3.07 -16.95
N SER A 62 19.49 -3.76 -17.72
CA SER A 62 20.89 -3.98 -17.34
C SER A 62 21.57 -2.70 -16.88
N GLU A 63 21.38 -1.64 -17.65
CA GLU A 63 21.92 -0.31 -17.33
C GLU A 63 21.28 0.26 -16.06
N LEU A 64 19.94 0.31 -16.03
CA LEU A 64 19.19 0.88 -14.89
C LEU A 64 19.46 0.15 -13.57
N ALA A 65 19.58 -1.17 -13.64
CA ALA A 65 19.90 -2.00 -12.48
C ALA A 65 21.33 -1.79 -11.97
N GLN A 66 22.28 -1.60 -12.88
CA GLN A 66 23.69 -1.35 -12.51
C GLN A 66 23.89 -0.06 -11.71
N ARG A 67 23.30 1.03 -12.20
CA ARG A 67 23.48 2.38 -11.60
C ARG A 67 22.86 2.46 -10.22
N SER A 68 21.58 2.10 -10.12
CA SER A 68 20.92 1.84 -8.84
C SER A 68 21.48 0.55 -8.26
N GLY A 69 21.19 0.25 -6.99
CA GLY A 69 21.76 -0.95 -6.35
C GLY A 69 21.13 -2.30 -6.70
N ALA A 70 20.41 -2.37 -7.83
CA ALA A 70 19.37 -3.39 -8.02
C ALA A 70 19.81 -4.65 -8.77
N VAL A 71 19.16 -5.77 -8.44
CA VAL A 71 19.25 -7.00 -9.22
C VAL A 71 18.44 -6.76 -10.50
N PRO A 72 19.00 -7.06 -11.69
CA PRO A 72 18.26 -6.81 -12.94
C PRO A 72 16.88 -7.47 -13.03
N ASP A 73 16.77 -8.72 -12.57
CA ASP A 73 15.50 -9.46 -12.63
C ASP A 73 14.40 -8.76 -11.85
N ALA A 74 14.67 -8.46 -10.58
CA ALA A 74 13.69 -7.83 -9.70
C ALA A 74 13.24 -6.47 -10.24
N LEU A 75 14.20 -5.64 -10.67
CA LEU A 75 13.89 -4.32 -11.22
C LEU A 75 13.07 -4.40 -12.49
N ARG A 76 13.37 -5.36 -13.36
CA ARG A 76 12.57 -5.62 -14.56
C ARG A 76 11.10 -5.83 -14.19
N ARG A 77 10.88 -6.66 -13.17
CA ARG A 77 9.55 -7.02 -12.72
C ARG A 77 8.83 -5.86 -12.03
N VAL A 78 9.55 -5.08 -11.22
CA VAL A 78 8.98 -3.89 -10.57
C VAL A 78 8.61 -2.84 -11.60
N LEU A 79 9.48 -2.61 -12.59
CA LEU A 79 9.19 -1.68 -13.68
C LEU A 79 8.08 -2.18 -14.60
N ARG A 80 7.93 -3.50 -14.75
CA ARG A 80 6.85 -4.06 -15.59
C ARG A 80 5.47 -3.67 -15.03
N LEU A 81 5.28 -3.81 -13.72
CA LEU A 81 4.03 -3.40 -13.06
C LEU A 81 3.77 -1.92 -13.31
N LEU A 82 4.72 -1.07 -12.93
CA LEU A 82 4.59 0.37 -13.09
C LEU A 82 4.37 0.80 -14.54
N ALA A 83 4.94 0.06 -15.49
CA ALA A 83 4.64 0.25 -16.91
C ALA A 83 3.19 -0.14 -17.27
N ARG A 84 2.63 -1.15 -16.60
CA ARG A 84 1.18 -1.44 -16.71
C ARG A 84 0.26 -0.34 -16.16
N ARG A 85 0.80 0.50 -15.29
CA ARG A 85 0.09 1.67 -14.75
C ARG A 85 0.46 3.00 -15.43
N GLY A 86 1.20 2.95 -16.54
CA GLY A 86 1.48 4.15 -17.34
C GLY A 86 2.52 5.11 -16.79
N VAL A 87 3.29 4.68 -15.79
CA VAL A 87 4.37 5.48 -15.21
C VAL A 87 5.58 5.47 -16.16
N PHE A 88 5.87 4.30 -16.74
CA PHE A 88 6.94 4.13 -17.72
C PHE A 88 6.42 3.50 -19.01
N THR A 89 7.11 3.78 -20.10
CA THR A 89 6.84 3.14 -21.39
C THR A 89 7.74 1.91 -21.47
N GLU A 90 7.26 0.83 -22.10
CA GLU A 90 8.12 -0.31 -22.48
C GLU A 90 7.81 -0.68 -23.92
N PRO A 91 8.55 -0.09 -24.87
CA PRO A 91 8.33 -0.33 -26.31
C PRO A 91 8.83 -1.70 -26.77
N ARG A 92 9.90 -2.19 -26.14
CA ARG A 92 10.38 -3.55 -26.32
C ARG A 92 10.55 -4.21 -24.94
N PRO A 93 10.85 -5.53 -24.91
CA PRO A 93 11.15 -6.19 -23.65
C PRO A 93 12.41 -5.66 -22.94
N ALA A 94 12.26 -5.39 -21.65
CA ALA A 94 13.36 -5.00 -20.76
C ALA A 94 14.03 -3.65 -21.12
N VAL A 95 13.25 -2.73 -21.70
CA VAL A 95 13.72 -1.36 -21.93
C VAL A 95 12.59 -0.42 -21.50
N PHE A 96 12.95 0.63 -20.75
CA PHE A 96 11.97 1.50 -20.10
C PHE A 96 12.30 2.97 -20.29
N GLY A 97 11.35 3.69 -20.90
CA GLY A 97 11.49 5.12 -21.21
C GLY A 97 10.58 5.99 -20.38
N PRO A 98 10.72 7.33 -20.50
CA PRO A 98 9.98 8.28 -19.68
C PRO A 98 8.58 8.56 -20.21
N THR A 99 7.72 9.10 -19.34
CA THR A 99 6.37 9.56 -19.68
C THR A 99 6.07 10.87 -18.97
N GLY A 100 4.93 11.49 -19.31
CA GLY A 100 4.39 12.60 -18.55
C GLY A 100 4.40 12.38 -17.04
N LEU A 101 4.07 11.16 -16.62
CA LEU A 101 4.09 10.78 -15.20
C LEU A 101 5.49 10.73 -14.60
N SER A 102 6.45 10.15 -15.33
CA SER A 102 7.82 10.05 -14.84
C SER A 102 8.50 11.43 -14.74
N ARG A 103 8.12 12.37 -15.62
CA ARG A 103 8.57 13.76 -15.49
C ARG A 103 8.29 14.28 -14.08
N LEU A 104 7.08 14.09 -13.57
CA LEU A 104 6.70 14.54 -12.22
C LEU A 104 7.48 13.86 -11.09
N LEU A 105 8.09 12.70 -11.36
CA LEU A 105 8.91 11.99 -10.38
C LEU A 105 10.40 12.36 -10.36
N GLN A 106 10.84 13.15 -11.33
CA GLN A 106 12.25 13.54 -11.42
C GLN A 106 12.62 14.62 -10.39
N SER A 107 13.85 14.56 -9.87
CA SER A 107 14.40 15.63 -9.02
C SER A 107 14.32 16.95 -9.79
N ASP A 108 14.80 16.90 -11.03
CA ASP A 108 14.67 17.93 -12.08
C ASP A 108 13.37 18.76 -12.05
N HIS A 109 12.22 18.10 -11.90
CA HIS A 109 10.90 18.73 -12.11
C HIS A 109 10.57 19.82 -11.09
N PRO A 110 10.03 20.98 -11.56
CA PRO A 110 9.79 22.13 -10.68
C PRO A 110 8.96 21.85 -9.43
N ARG A 111 7.85 21.14 -9.61
CA ARG A 111 6.98 20.71 -8.51
C ARG A 111 7.12 19.21 -8.20
N SER A 112 8.36 18.73 -8.08
CA SER A 112 8.66 17.29 -7.99
C SER A 112 7.94 16.59 -6.85
N ARG A 114 9.24 13.69 -5.87
CA ARG A 114 10.36 12.92 -5.31
C ARG A 114 10.52 12.98 -3.79
N PRO A 115 10.51 14.18 -3.18
CA PRO A 115 10.67 14.23 -1.71
C PRO A 115 9.58 13.50 -0.90
N TRP A 116 8.41 13.29 -1.49
CA TRP A 116 7.29 12.63 -0.81
C TRP A 116 7.25 11.12 -1.04
N LEU A 117 7.94 10.64 -2.09
CA LEU A 117 8.03 9.22 -2.44
C LEU A 117 9.40 8.56 -2.17
N ASP A 118 10.43 9.37 -1.95
CA ASP A 118 11.77 8.87 -1.66
C ASP A 118 11.82 8.31 -0.23
N LEU A 119 12.15 7.03 -0.12
CA LEU A 119 12.29 6.36 1.18
C LEU A 119 13.59 6.73 1.91
N GLU A 120 14.52 7.35 1.20
CA GLU A 120 15.69 7.99 1.81
C GLU A 120 15.22 9.15 2.69
N GLY A 121 14.26 9.92 2.17
CA GLY A 121 13.65 11.02 2.92
C GLY A 121 12.74 10.52 4.03
N PRO A 122 12.47 11.38 5.04
CA PRO A 122 11.66 11.00 6.19
C PRO A 122 10.15 10.90 5.94
N VAL A 123 9.65 11.54 4.89
CA VAL A 123 8.19 11.60 4.64
C VAL A 123 7.67 10.25 4.16
N ALA A 124 8.27 9.73 3.10
CA ALA A 124 7.88 8.43 2.55
C ALA A 124 8.27 7.31 3.51
N ARG A 125 9.41 7.48 4.18
CA ARG A 125 9.86 6.55 5.22
C ARG A 125 8.76 6.30 6.28
N GLY A 126 8.02 7.34 6.64
CA GLY A 126 6.87 7.22 7.53
C GLY A 126 5.70 6.38 7.03
N ASP A 127 5.59 6.20 5.71
CA ASP A 127 4.54 5.36 5.11
C ASP A 127 4.70 3.87 5.41
N ARG A 128 5.89 3.44 5.85
CA ARG A 128 6.06 2.06 6.33
C ARG A 128 5.16 1.73 7.54
N THR A 129 4.65 2.76 8.23
CA THR A 129 3.65 2.57 9.28
C THR A 129 2.36 1.90 8.82
N CYS A 130 2.01 2.05 7.55
CA CYS A 130 0.77 1.47 7.01
C CYS A 130 0.53 0.00 7.44
N VAL A 131 1.61 -0.77 7.52
CA VAL A 131 1.50 -2.18 7.95
C VAL A 131 1.09 -2.40 9.40
N HIS A 132 1.22 -1.38 10.25
CA HIS A 132 0.87 -1.48 11.69
C HIS A 132 -0.48 -0.85 12.05
N ILE A 133 -1.31 -0.57 11.05
CA ILE A 133 -2.61 0.07 11.25
C ILE A 133 -3.54 -0.63 12.28
N LEU A 134 -3.41 -1.94 12.44
CA LEU A 134 -4.21 -2.66 13.44
C LEU A 134 -3.89 -2.20 14.87
N GLU A 135 -2.60 -2.17 15.22
CA GLU A 135 -2.18 -1.66 16.54
C GLU A 135 -2.61 -0.20 16.72
N ALA A 136 -2.45 0.60 15.67
CA ALA A 136 -2.96 1.98 15.68
C ALA A 136 -4.45 2.06 16.02
N LEU A 137 -5.24 1.12 15.49
CA LEU A 137 -6.67 1.04 15.83
C LEU A 137 -6.94 0.57 17.28
N ARG A 138 -6.10 -0.35 17.78
CA ARG A 138 -6.24 -0.84 19.17
C ARG A 138 -5.91 0.23 20.21
N THR A 139 -4.79 0.89 20.03
CA THR A 139 -4.28 1.84 21.03
C THR A 139 -4.82 3.26 20.82
N GLY A 140 -5.25 3.56 19.60
CA GLY A 140 -5.65 4.92 19.23
C GLY A 140 -4.48 5.87 19.07
N GLY A 141 -3.25 5.36 19.18
CA GLY A 141 -2.05 6.17 19.17
C GLY A 141 -1.19 5.86 17.96
N PRO A 142 -0.08 6.61 17.79
CA PRO A 142 0.81 6.45 16.64
C PRO A 142 1.60 5.15 16.62
N VAL A 143 2.10 4.77 15.44
CA VAL A 143 2.88 3.54 15.26
C VAL A 143 4.25 3.75 14.57
N HIS A 144 4.75 4.99 14.61
CA HIS A 144 6.09 5.29 14.11
C HIS A 144 7.13 4.62 15.00
N GLU A 145 6.91 4.65 16.31
CA GLU A 145 7.78 3.95 17.25
C GLU A 145 7.82 2.44 17.02
N ARG A 146 6.68 1.84 16.70
CA ARG A 146 6.61 0.41 16.45
C ARG A 146 7.37 0.02 15.18
N THR A 147 7.36 0.89 14.18
CA THR A 147 8.07 0.65 12.93
C THR A 147 9.58 0.82 13.05
N TYR A 148 10.02 1.89 13.72
CA TYR A 148 11.44 2.31 13.72
C TYR A 148 12.19 2.35 15.06
N GLY A 149 11.51 2.10 16.19
CA GLY A 149 12.15 2.12 17.52
C GLY A 149 11.92 3.37 18.35
N ARG A 150 11.73 4.50 17.68
CA ARG A 150 11.44 5.77 18.33
C ARG A 150 10.32 6.48 17.56
N PRO A 151 9.48 7.30 18.24
CA PRO A 151 8.43 8.07 17.55
C PRO A 151 9.01 9.22 16.71
N VAL A 152 8.19 9.79 15.84
CA VAL A 152 8.69 10.63 14.75
C VAL A 152 9.66 11.75 15.16
N TRP A 153 9.31 12.56 16.16
CA TRP A 153 10.13 13.73 16.50
C TRP A 153 11.45 13.34 17.17
N GLU A 154 11.39 12.36 18.07
CA GLU A 154 12.57 11.82 18.76
C GLU A 154 13.66 11.33 17.79
N ASP A 155 13.28 10.56 16.77
CA ASP A 155 14.28 9.94 15.87
C ASP A 155 14.64 10.85 14.69
N LEU A 156 13.77 11.82 14.37
CA LEU A 156 14.17 12.95 13.51
C LEU A 156 15.19 13.87 14.21
N ALA A 157 15.11 13.95 15.54
CA ALA A 157 16.05 14.73 16.34
C ALA A 157 17.39 14.00 16.56
N ALA A 158 17.33 12.70 16.82
CA ALA A 158 18.55 11.88 17.00
C ALA A 158 19.31 11.60 15.70
N ARG A 159 18.67 11.82 14.54
CA ARG A 159 19.31 11.74 13.24
C ARG A 159 19.13 13.08 12.51
N PRO A 160 20.05 14.05 12.74
CA PRO A 160 19.97 15.40 12.15
C PRO A 160 19.75 15.44 10.64
N ALA A 161 20.37 14.53 9.90
CA ALA A 161 20.24 14.48 8.44
C ALA A 161 18.79 14.17 8.00
N LEU A 162 18.14 13.25 8.72
CA LEU A 162 16.70 13.02 8.51
C LEU A 162 15.88 14.27 8.86
N GLY A 163 16.22 14.91 9.98
CA GLY A 163 15.60 16.17 10.37
C GLY A 163 15.79 17.30 9.37
N ALA A 164 16.97 17.36 8.75
CA ALA A 164 17.28 18.35 7.72
C ALA A 164 16.45 18.10 6.46
N ALA A 165 16.34 16.82 6.09
CA ALA A 165 15.55 16.41 4.92
C ALA A 165 14.06 16.69 5.12
N PHE A 166 13.56 16.41 6.31
CA PHE A 166 12.21 16.80 6.72
C PHE A 166 12.00 18.29 6.50
N ASP A 167 12.92 19.09 7.04
CA ASP A 167 12.82 20.56 6.95
C ASP A 167 12.89 21.07 5.52
N ALA A 168 13.71 20.42 4.68
CA ALA A 168 13.82 20.80 3.27
C ALA A 168 12.55 20.48 2.50
N ALA A 169 11.93 19.35 2.79
CA ALA A 169 10.67 18.95 2.15
C ALA A 169 9.53 19.90 2.51
N ALA A 171 9.82 22.86 3.51
CA ALA A 171 10.12 24.15 2.87
C ALA A 171 9.56 24.29 1.44
N GLN A 172 9.47 23.17 0.71
CA GLN A 172 8.87 23.14 -0.63
C GLN A 172 7.36 23.43 -0.57
N ARG A 173 6.67 22.84 0.41
CA ARG A 173 5.24 23.10 0.62
C ARG A 173 4.99 24.55 1.04
N ALA A 174 5.72 24.98 2.07
CA ALA A 174 5.64 26.35 2.61
C ALA A 174 5.81 27.39 1.51
N SER A 175 6.85 27.21 0.70
CA SER A 175 7.16 28.10 -0.42
C SER A 175 5.99 28.34 -1.37
N TRP A 176 5.20 27.29 -1.66
CA TRP A 176 4.00 27.42 -2.49
C TRP A 176 2.90 28.24 -1.82
N ILE A 177 2.78 28.08 -0.50
CA ILE A 177 1.64 28.62 0.26
C ILE A 177 1.91 30.03 0.85
N ALA A 178 3.17 30.50 0.79
CA ALA A 178 3.62 31.70 1.51
C ALA A 178 2.93 32.99 1.08
N GLY A 179 3.04 33.33 -0.20
CA GLY A 179 2.42 34.53 -0.78
C GLY A 179 0.93 34.66 -0.50
N ASP A 180 0.24 33.51 -0.50
CA ASP A 180 -1.18 33.42 -0.13
C ASP A 180 -1.48 33.73 1.35
N VAL A 181 -0.65 33.23 2.28
CA VAL A 181 -0.86 33.50 3.72
C VAL A 181 -0.56 34.97 4.05
N ALA A 182 0.52 35.51 3.48
CA ALA A 182 0.89 36.91 3.64
C ALA A 182 -0.24 37.85 3.22
N ALA A 183 -0.81 37.59 2.05
CA ALA A 183 -1.96 38.36 1.57
C ALA A 183 -3.23 38.06 2.38
N GLY A 184 -3.43 36.79 2.72
CA GLY A 184 -4.66 36.35 3.38
C GLY A 184 -4.98 36.91 4.76
N PHE A 185 -3.96 37.31 5.53
CA PHE A 185 -4.16 37.96 6.85
C PHE A 185 -3.99 39.49 6.76
N ASP A 186 -4.71 40.21 7.62
CA ASP A 186 -4.53 41.67 7.79
C ASP A 186 -3.37 41.95 8.76
N TRP A 187 -2.40 42.75 8.32
CA TRP A 187 -1.20 43.07 9.12
C TRP A 187 -1.13 44.55 9.57
N SER A 188 -2.25 45.29 9.53
CA SER A 188 -2.26 46.74 9.87
C SER A 188 -1.94 46.98 11.35
N ALA A 189 -2.69 46.30 12.22
CA ALA A 189 -2.51 46.37 13.67
C ALA A 189 -1.60 45.25 14.18
N VAL A 190 -0.53 44.98 13.45
CA VAL A 190 0.45 43.97 13.83
C VAL A 190 1.83 44.60 13.68
N ARG A 191 2.62 44.56 14.76
CA ARG A 191 3.99 45.08 14.76
C ARG A 191 5.08 43.99 14.84
N HIS A 192 4.82 42.90 15.55
CA HIS A 192 5.80 41.82 15.69
C HIS A 192 5.13 40.43 15.59
N VAL A 193 5.47 39.69 14.53
CA VAL A 193 4.89 38.35 14.26
C VAL A 193 5.87 37.26 14.67
N ASP A 195 6.45 33.31 13.96
CA ASP A 195 6.11 32.06 13.26
C ASP A 195 6.49 30.90 14.19
N VAL A 196 5.49 30.33 14.88
CA VAL A 196 5.68 29.20 15.83
C VAL A 196 5.56 27.88 15.07
N GLY A 197 6.62 27.07 15.13
CA GLY A 197 6.74 25.89 14.27
C GLY A 197 6.82 26.33 12.82
N GLY A 198 7.67 27.32 12.55
CA GLY A 198 7.75 27.95 11.24
C GLY A 198 8.72 27.33 10.25
N GLY A 199 9.36 26.22 10.63
CA GLY A 199 10.33 25.54 9.75
C GLY A 199 11.51 26.43 9.41
N THR A 200 11.99 26.33 8.17
CA THR A 200 13.08 27.18 7.69
C THR A 200 12.68 28.66 7.54
N GLY A 201 11.41 28.97 7.78
CA GLY A 201 10.91 30.34 7.83
C GLY A 201 10.45 30.86 6.49
N GLY A 202 10.01 29.97 5.60
CA GLY A 202 9.58 30.34 4.25
C GLY A 202 8.37 31.27 4.22
N VAL A 203 7.43 31.05 5.14
CA VAL A 203 6.23 31.88 5.25
C VAL A 203 6.56 33.24 5.86
N LEU A 204 7.29 33.24 6.98
CA LEU A 204 7.67 34.49 7.66
C LEU A 204 8.45 35.41 6.74
N ALA A 205 9.43 34.85 6.02
CA ALA A 205 10.23 35.61 5.03
C ALA A 205 9.37 36.40 4.05
N GLU A 206 8.31 35.77 3.57
CA GLU A 206 7.36 36.40 2.65
C GLU A 206 6.55 37.49 3.35
N VAL A 207 6.01 37.19 4.52
CA VAL A 207 5.21 38.16 5.29
C VAL A 207 6.01 39.46 5.49
N LEU A 208 7.25 39.31 5.96
CA LEU A 208 8.12 40.43 6.28
C LEU A 208 8.48 41.27 5.04
N ARG A 209 8.87 40.62 3.94
CA ARG A 209 9.22 41.35 2.72
C ARG A 209 7.98 42.05 2.11
N ALA A 210 6.81 41.43 2.24
CA ALA A 210 5.53 42.04 1.81
C ALA A 210 5.10 43.26 2.65
N ARG A 211 5.54 43.30 3.90
CA ARG A 211 5.19 44.38 4.84
C ARG A 211 6.48 44.95 5.48
N PRO A 212 7.14 45.92 4.78
CA PRO A 212 8.48 46.41 5.13
C PRO A 212 8.74 46.81 6.59
N GLY A 213 7.69 47.22 7.31
CA GLY A 213 7.83 47.67 8.70
C GLY A 213 7.57 46.65 9.79
N LEU A 214 7.51 45.36 9.44
CA LEU A 214 7.25 44.29 10.42
C LEU A 214 8.54 43.76 11.06
N LYS A 215 8.44 43.41 12.34
CA LYS A 215 9.46 42.62 13.03
C LYS A 215 9.00 41.16 13.01
N GLY A 216 9.97 40.25 12.98
CA GLY A 216 9.69 38.81 12.89
C GLY A 216 10.46 38.00 13.93
N THR A 217 9.89 36.88 14.35
CA THR A 217 10.64 35.87 15.12
C THR A 217 10.28 34.47 14.64
N LEU A 218 11.28 33.74 14.13
CA LEU A 218 11.11 32.35 13.75
C LEU A 218 11.40 31.49 14.96
N LEU A 219 10.39 30.76 15.44
CA LEU A 219 10.57 29.79 16.52
C LEU A 219 10.48 28.38 15.98
N ASP A 220 11.56 27.61 16.14
CA ASP A 220 11.57 26.18 15.79
C ASP A 220 12.76 25.48 16.44
N ARG A 221 12.97 24.22 16.08
CA ARG A 221 14.18 23.47 16.46
C ARG A 221 15.45 24.20 15.98
N ALA A 222 16.53 24.02 16.75
CA ALA A 222 17.77 24.78 16.56
C ALA A 222 18.40 24.64 15.15
N PRO A 223 18.66 23.41 14.67
CA PRO A 223 19.21 23.30 13.31
C PRO A 223 18.25 23.77 12.21
N THR A 224 16.94 23.71 12.47
CA THR A 224 15.92 24.22 11.55
C THR A 224 16.00 25.74 11.43
N VAL A 225 16.04 26.45 12.56
CA VAL A 225 16.17 27.92 12.53
C VAL A 225 17.51 28.37 11.95
N ALA A 226 18.57 27.61 12.26
CA ALA A 226 19.92 27.91 11.79
C ALA A 226 20.06 27.75 10.28
N ALA A 227 19.41 26.72 9.73
CA ALA A 227 19.34 26.53 8.27
C ALA A 227 18.52 27.63 7.62
N GLY A 228 17.49 28.08 8.33
CA GLY A 228 16.70 29.24 7.91
C GLY A 228 17.50 30.53 7.91
N ARG A 229 18.35 30.73 8.92
CA ARG A 229 19.23 31.90 8.97
C ARG A 229 20.16 31.94 7.76
N GLU A 230 20.79 30.82 7.46
CA GLU A 230 21.71 30.73 6.32
C GLU A 230 21.02 31.10 5.01
N ALA A 231 19.78 30.65 4.85
CA ALA A 231 19.03 30.85 3.62
C ALA A 231 18.72 32.33 3.34
N TRP A 232 18.12 33.01 4.31
CA TRP A 232 17.63 34.39 4.10
C TRP A 232 17.91 35.39 5.23
N GLY A 233 18.74 35.02 6.20
CA GLY A 233 19.06 35.89 7.34
C GLY A 233 19.86 37.13 6.98
N ALA A 234 20.59 37.07 5.86
CA ALA A 234 21.31 38.21 5.31
C ALA A 234 20.42 39.24 4.60
N SER A 235 19.29 38.78 4.04
CA SER A 235 18.41 39.65 3.23
C SER A 235 17.76 40.79 4.03
N GLU A 236 17.14 41.72 3.30
CA GLU A 236 16.42 42.87 3.89
C GLU A 236 15.42 42.43 4.98
N ALA A 237 14.60 41.42 4.63
CA ALA A 237 13.62 40.86 5.57
C ALA A 237 14.27 40.04 6.69
N GLY A 238 15.35 39.33 6.35
CA GLY A 238 16.15 38.58 7.34
C GLY A 238 16.69 39.42 8.49
N GLN A 239 17.08 40.66 8.20
CA GLN A 239 17.57 41.60 9.22
C GLN A 239 16.51 41.94 10.27
N ARG A 240 15.25 41.94 9.87
CA ARG A 240 14.13 42.27 10.74
C ARG A 240 13.51 41.03 11.41
N CYS A 241 14.26 39.92 11.47
CA CYS A 241 13.82 38.68 12.10
C CYS A 241 14.87 38.14 13.06
N THR A 242 14.43 37.84 14.28
CA THR A 242 15.22 37.06 15.24
C THR A 242 15.05 35.57 14.92
N PHE A 243 16.16 34.83 14.84
CA PHE A 243 16.12 33.39 14.59
C PHE A 243 16.33 32.67 15.92
N SER A 244 15.21 32.35 16.55
CA SER A 244 15.16 31.88 17.93
C SER A 244 14.93 30.35 17.99
N GLY A 245 15.99 29.59 18.29
CA GLY A 245 15.88 28.13 18.43
C GLY A 245 15.28 27.70 19.77
N GLY A 246 14.36 26.75 19.76
CA GLY A 246 13.70 26.27 20.99
C GLY A 246 12.44 25.45 20.77
N SER A 247 11.75 25.13 21.85
CA SER A 247 10.55 24.29 21.82
C SER A 247 9.28 25.07 22.14
N PHE A 248 8.24 24.89 21.32
CA PHE A 248 6.96 25.58 21.53
C PHE A 248 6.01 24.91 22.56
N PHE A 249 6.45 23.82 23.19
CA PHE A 249 5.76 23.31 24.39
C PHE A 249 6.22 24.05 25.65
N ASP A 250 7.43 24.60 25.62
CA ASP A 250 7.94 25.52 26.66
C ASP A 250 7.36 26.92 26.44
N THR A 251 7.68 27.83 27.36
CA THR A 251 7.38 29.25 27.20
C THR A 251 8.06 29.82 25.95
N LEU A 252 7.33 30.67 25.23
CA LEU A 252 7.81 31.25 23.99
C LEU A 252 8.49 32.59 24.29
N PRO A 253 9.39 33.06 23.41
CA PRO A 253 9.89 34.43 23.49
C PRO A 253 8.79 35.49 23.59
N SER A 254 9.09 36.57 24.31
CA SER A 254 8.12 37.59 24.66
C SER A 254 8.08 38.73 23.67
N GLY A 255 6.99 39.49 23.70
CA GLY A 255 6.84 40.73 22.94
C GLY A 255 6.33 40.61 21.51
N ALA A 256 5.77 39.46 21.16
CA ALA A 256 5.06 39.30 19.89
C ALA A 256 3.58 39.55 20.15
N ASP A 257 2.95 40.35 19.30
CA ASP A 257 1.50 40.54 19.37
C ASP A 257 0.76 39.49 18.52
N ALA A 258 1.39 39.04 17.44
CA ALA A 258 0.84 37.97 16.60
C ALA A 258 1.71 36.70 16.66
N CYS A 259 1.06 35.55 16.87
CA CYS A 259 1.68 34.22 16.73
C CYS A 259 1.08 33.51 15.52
N LEU A 260 1.93 32.94 14.67
CA LEU A 260 1.50 32.29 13.42
C LEU A 260 1.66 30.77 13.55
N LEU A 261 0.58 30.02 13.33
CA LEU A 261 0.58 28.55 13.31
C LEU A 261 0.17 28.05 11.92
N VAL A 262 1.15 27.91 11.03
CA VAL A 262 0.94 27.45 9.66
C VAL A 262 1.24 25.96 9.57
N ASN A 263 0.18 25.15 9.47
CA ASN A 263 0.29 23.70 9.35
C ASN A 263 1.10 23.05 10.48
N VAL A 264 0.85 23.44 11.73
CA VAL A 264 1.48 22.73 12.87
C VAL A 264 0.48 22.00 13.77
N LEU A 265 -0.75 22.49 13.90
CA LEU A 265 -1.72 21.86 14.82
C LEU A 265 -2.09 20.42 14.42
N HIS A 266 -2.20 20.17 13.12
CA HIS A 266 -2.50 18.83 12.61
C HIS A 266 -1.40 17.77 12.83
N ASP A 267 -0.19 18.18 13.20
CA ASP A 267 0.86 17.24 13.64
C ASP A 267 0.61 16.65 15.04
N TRP A 268 -0.27 17.27 15.82
CA TRP A 268 -0.35 16.99 17.25
C TRP A 268 -1.73 16.53 17.68
N ALA A 269 -1.78 15.52 18.55
CA ALA A 269 -3.03 15.09 19.19
C ALA A 269 -3.63 16.23 20.00
N ASP A 270 -4.86 16.04 20.46
CA ASP A 270 -5.65 17.16 21.02
C ASP A 270 -5.03 17.83 22.24
N GLU A 271 -4.54 17.03 23.19
CA GLU A 271 -3.89 17.60 24.40
C GLU A 271 -2.62 18.39 24.07
N HIS A 272 -1.83 17.89 23.10
CA HIS A 272 -0.59 18.55 22.71
C HIS A 272 -0.84 19.77 21.84
N ALA A 273 -1.78 19.67 20.90
CA ALA A 273 -2.20 20.82 20.10
C ALA A 273 -2.78 21.93 20.98
N LEU A 274 -3.45 21.54 22.07
CA LEU A 274 -3.92 22.48 23.09
C LEU A 274 -2.75 23.23 23.75
N ALA A 275 -1.78 22.47 24.26
CA ALA A 275 -0.58 23.05 24.91
C ALA A 275 0.15 24.09 24.06
N VAL A 276 0.20 23.84 22.75
CA VAL A 276 0.80 24.79 21.80
C VAL A 276 -0.01 26.09 21.76
N LEU A 277 -1.33 25.98 21.69
CA LEU A 277 -2.21 27.15 21.66
C LEU A 277 -2.20 27.94 22.96
N ARG A 278 -2.03 27.25 24.09
CA ARG A 278 -1.83 27.92 25.37
C ARG A 278 -0.56 28.76 25.36
N ARG A 279 0.56 28.16 24.97
CA ARG A 279 1.84 28.88 24.89
C ARG A 279 1.82 30.04 23.90
N CYS A 280 1.05 29.90 22.83
CA CYS A 280 0.83 31.01 21.88
C CYS A 280 -0.02 32.13 22.48
N ALA A 281 -1.07 31.77 23.22
CA ALA A 281 -1.92 32.75 23.92
C ALA A 281 -1.12 33.50 24.99
N GLU A 282 -0.46 32.75 25.86
CA GLU A 282 0.48 33.27 26.86
C GLU A 282 1.47 34.28 26.27
N ALA A 283 2.03 33.95 25.11
CA ALA A 283 3.05 34.76 24.47
C ALA A 283 2.54 36.09 23.92
N VAL A 284 1.27 36.14 23.51
CA VAL A 284 0.72 37.33 22.85
C VAL A 284 -0.03 38.31 23.76
N GLY A 285 -0.24 37.94 25.02
CA GLY A 285 -0.95 38.81 25.97
C GLY A 285 -2.42 38.94 25.61
N PRO A 286 -3.22 39.61 26.48
CA PRO A 286 -4.61 39.82 26.12
C PRO A 286 -4.72 40.81 24.96
N ARG A 287 -5.78 40.67 24.18
CA ARG A 287 -5.91 41.34 22.88
C ARG A 287 -4.75 41.07 21.90
N GLY A 288 -3.94 40.03 22.16
CA GLY A 288 -2.99 39.52 21.19
C GLY A 288 -3.72 38.55 20.28
N ARG A 289 -3.16 38.30 19.11
CA ARG A 289 -3.87 37.56 18.07
C ARG A 289 -3.10 36.35 17.54
N VAL A 290 -3.63 35.15 17.78
CA VAL A 290 -3.05 33.90 17.28
C VAL A 290 -3.65 33.57 15.90
N LEU A 291 -2.79 33.45 14.89
CA LEU A 291 -3.20 33.29 13.48
C LEU A 291 -2.91 31.87 13.00
N ILE A 292 -3.97 31.09 12.76
CA ILE A 292 -3.87 29.68 12.33
C ILE A 292 -4.12 29.57 10.83
N ALA A 293 -3.38 28.70 10.16
CA ALA A 293 -3.55 28.45 8.72
C ALA A 293 -3.41 26.96 8.41
N GLU A 294 -4.55 26.31 8.14
CA GLU A 294 -4.60 24.86 7.85
C GLU A 294 -5.59 24.57 6.70
N HIS A 295 -5.49 23.37 6.12
CA HIS A 295 -6.61 22.78 5.37
C HIS A 295 -7.49 22.09 6.38
N LEU A 296 -8.76 22.48 6.42
CA LEU A 296 -9.72 21.95 7.38
C LEU A 296 -10.69 21.00 6.70
N VAL A 297 -11.09 19.95 7.42
CA VAL A 297 -12.01 18.95 6.86
C VAL A 297 -13.41 19.57 6.95
N GLU A 298 -14.30 19.12 6.07
CA GLU A 298 -15.67 19.65 5.93
C GLU A 298 -16.62 18.46 5.94
N GLU A 299 -17.61 18.48 6.85
CA GLU A 299 -18.44 17.29 7.14
C GLU A 299 -18.95 16.53 5.91
N GLY A 300 -19.85 17.16 5.15
CA GLY A 300 -20.41 16.53 3.96
C GLY A 300 -19.37 16.59 2.85
N ALA A 301 -18.58 15.53 2.75
CA ALA A 301 -17.25 15.61 2.15
C ALA A 301 -17.13 16.24 0.75
N GLY A 302 -17.21 15.42 -0.30
CA GLY A 302 -16.86 15.86 -1.66
C GLY A 302 -16.00 14.83 -2.36
N GLY A 303 -15.44 15.23 -3.50
CA GLY A 303 -14.67 14.34 -4.35
C GLY A 303 -13.20 14.30 -3.97
N PRO A 304 -12.32 14.81 -4.85
CA PRO A 304 -10.88 14.59 -4.69
C PRO A 304 -10.23 15.36 -3.54
N GLY A 305 -10.77 16.55 -3.22
CA GLY A 305 -10.26 17.36 -2.10
C GLY A 305 -10.37 16.61 -0.80
N ALA A 306 -11.60 16.18 -0.47
CA ALA A 306 -11.90 15.53 0.80
C ALA A 306 -11.29 14.14 0.95
N ALA A 307 -11.22 13.39 -0.16
CA ALA A 307 -10.58 12.07 -0.18
C ALA A 307 -9.10 12.15 0.11
N GLY A 308 -8.41 13.09 -0.55
CA GLY A 308 -6.99 13.36 -0.29
C GLY A 308 -6.69 13.74 1.15
N LEU A 309 -7.54 14.60 1.71
CA LEU A 309 -7.44 15.02 3.11
C LEU A 309 -7.68 13.86 4.09
N ALA A 310 -8.59 12.95 3.74
CA ALA A 310 -8.86 11.76 4.56
C ALA A 310 -7.71 10.75 4.54
N GLU A 311 -7.04 10.62 3.39
CA GLU A 311 -5.80 9.85 3.26
C GLU A 311 -4.72 10.46 4.16
N LEU A 312 -4.50 11.77 4.00
CA LEU A 312 -3.50 12.52 4.77
C LEU A 312 -3.73 12.42 6.28
N ASP A 313 -5.00 12.40 6.68
CA ASP A 313 -5.39 12.25 8.08
C ASP A 313 -4.93 10.91 8.69
N LEU A 314 -4.97 9.84 7.91
CA LEU A 314 -4.45 8.55 8.36
C LEU A 314 -2.92 8.56 8.48
N VAL A 315 -2.26 9.36 7.63
CA VAL A 315 -0.81 9.59 7.77
C VAL A 315 -0.56 10.31 9.09
N LEU A 318 -1.01 7.73 12.07
CA LEU A 318 0.01 6.68 12.15
C LEU A 318 1.41 7.21 12.46
N VAL A 319 1.88 8.19 11.69
CA VAL A 319 3.24 8.73 11.82
C VAL A 319 3.36 9.65 13.04
N TYR A 320 2.52 10.66 13.08
CA TYR A 320 2.48 11.62 14.18
C TYR A 320 1.37 11.15 15.12
N GLY A 321 1.02 11.93 16.13
CA GLY A 321 -0.19 11.63 16.91
C GLY A 321 -1.39 12.44 16.48
N GLY A 322 -1.35 13.00 15.27
CA GLY A 322 -2.16 14.15 14.91
C GLY A 322 -3.53 13.87 14.33
N ARG A 323 -4.12 14.93 13.76
CA ARG A 323 -5.43 14.85 13.09
C ARG A 323 -5.70 16.10 12.27
N GLU A 324 -6.31 15.91 11.10
CA GLU A 324 -6.94 17.01 10.37
C GLU A 324 -8.20 17.35 11.16
N ARG A 325 -8.53 18.64 11.26
CA ARG A 325 -9.67 19.10 12.07
C ARG A 325 -10.69 19.93 11.29
N ARG A 326 -11.95 19.88 11.75
CA ARG A 326 -12.99 20.84 11.33
C ARG A 326 -12.79 22.15 12.05
N LEU A 327 -13.47 23.18 11.58
CA LEU A 327 -13.49 24.50 12.23
C LEU A 327 -13.98 24.43 13.67
N ASP A 328 -15.02 23.63 13.91
CA ASP A 328 -15.61 23.50 15.25
C ASP A 328 -14.73 22.78 16.27
N GLU A 329 -13.85 21.89 15.81
CA GLU A 329 -12.90 21.18 16.69
C GLU A 329 -11.73 22.09 17.07
N LEU A 330 -11.31 22.87 16.08
CA LEU A 330 -10.36 23.97 16.26
C LEU A 330 -10.88 24.99 17.28
N ALA A 331 -12.19 25.27 17.23
CA ALA A 331 -12.85 26.17 18.19
C ALA A 331 -12.89 25.62 19.62
N ASP A 332 -13.08 24.30 19.78
CA ASP A 332 -13.05 23.68 21.13
C ASP A 332 -11.69 23.75 21.80
N LEU A 333 -10.62 23.65 20.99
CA LEU A 333 -9.24 23.82 21.47
C LEU A 333 -8.94 25.26 21.84
N ALA A 334 -9.32 26.20 20.98
CA ALA A 334 -9.08 27.63 21.20
C ALA A 334 -9.77 28.15 22.48
N GLY A 335 -11.00 27.70 22.72
CA GLY A 335 -11.75 28.05 23.93
C GLY A 335 -11.13 27.58 25.24
N LYS A 336 -10.54 26.39 25.21
CA LYS A 336 -9.83 25.84 26.37
C LYS A 336 -8.44 26.46 26.62
N ALA A 337 -7.93 27.24 25.65
CA ALA A 337 -6.67 27.98 25.79
C ALA A 337 -6.87 29.50 25.82
N GLY A 338 -8.02 29.95 26.34
CA GLY A 338 -8.29 31.37 26.51
C GLY A 338 -8.43 32.20 25.24
N LEU A 339 -8.78 31.55 24.13
CA LEU A 339 -8.95 32.22 22.83
C LEU A 339 -10.35 32.02 22.27
N ARG A 340 -10.68 32.76 21.22
CA ARG A 340 -11.97 32.64 20.52
C ARG A 340 -11.78 32.95 19.04
N ILE A 341 -12.59 32.33 18.19
CA ILE A 341 -12.45 32.49 16.74
C ILE A 341 -13.00 33.85 16.36
N GLY A 342 -12.16 34.68 15.73
CA GLY A 342 -12.55 36.04 15.34
C GLY A 342 -13.10 36.08 13.93
N ASP A 343 -12.21 35.84 12.97
CA ASP A 343 -12.51 35.97 11.54
C ASP A 343 -11.96 34.74 10.83
N VAL A 344 -12.86 33.95 10.25
CA VAL A 344 -12.51 32.81 9.43
C VAL A 344 -12.62 33.26 7.99
N SER A 345 -11.53 33.09 7.24
CA SER A 345 -11.54 33.31 5.81
C SER A 345 -10.94 32.08 5.14
N THR A 347 -8.29 31.02 1.59
CA THR A 347 -7.40 31.47 0.53
C THR A 347 -7.99 30.92 -0.77
N PRO A 348 -7.86 31.66 -1.88
CA PRO A 348 -8.57 31.33 -3.13
C PRO A 348 -7.95 30.10 -3.78
N ARG A 349 -8.09 28.97 -3.12
CA ARG A 349 -7.19 27.82 -3.25
C ARG A 349 -7.54 26.71 -2.26
N GLY A 350 -8.03 27.07 -1.07
CA GLY A 350 -8.62 26.11 -0.14
C GLY A 350 -8.03 26.14 1.25
N LEU A 351 -6.85 26.77 1.40
CA LEU A 351 -6.25 26.98 2.72
C LEU A 351 -7.09 27.97 3.51
N SER A 352 -7.67 27.51 4.61
CA SER A 352 -8.46 28.39 5.47
C SER A 352 -7.54 29.13 6.46
N LEU A 353 -7.91 30.37 6.77
CA LEU A 353 -7.15 31.27 7.63
C LEU A 353 -8.07 31.78 8.72
N VAL A 354 -7.73 31.47 9.97
CA VAL A 354 -8.54 31.87 11.13
C VAL A 354 -7.68 32.78 12.03
N VAL A 355 -8.20 33.96 12.39
CA VAL A 355 -7.58 34.81 13.42
C VAL A 355 -8.31 34.54 14.75
N CYS A 356 -7.55 34.43 15.83
CA CYS A 356 -8.10 34.26 17.20
C CYS A 356 -7.61 35.38 18.12
N GLU A 357 -8.51 36.00 18.89
CA GLU A 357 -8.12 36.93 19.97
C GLU A 357 -8.34 36.28 21.34
N ALA A 358 -7.93 36.97 22.39
CA ALA A 358 -8.15 36.53 23.77
C ALA A 358 -9.59 36.75 24.26
N GLU A 359 -9.95 36.00 25.30
CA GLU A 359 -11.30 36.05 25.91
C GLU A 359 -11.42 37.20 26.93
N THR A 360 -12.61 37.39 27.48
CA THR A 360 -12.93 38.41 28.49
C THR A 360 -12.82 39.82 27.91
N ALA B 22 -0.48 15.06 -19.73
CA ALA B 22 -0.12 16.47 -19.47
C ALA B 22 -0.32 16.87 -18.01
N ASP B 23 0.78 16.89 -17.25
CA ASP B 23 0.87 17.50 -15.91
C ASP B 23 -0.26 17.17 -14.93
N ASP B 24 -1.39 17.88 -15.04
CA ASP B 24 -2.48 17.73 -14.07
C ASP B 24 -3.19 16.35 -14.15
N ASP B 25 -3.44 15.91 -15.38
CA ASP B 25 -3.93 14.56 -15.64
C ASP B 25 -2.98 13.51 -15.10
N ALA B 26 -1.68 13.67 -15.40
CA ALA B 26 -0.65 12.79 -14.86
C ALA B 26 -0.65 12.83 -13.34
N PHE B 27 -0.78 14.04 -12.80
CA PHE B 27 -0.83 14.28 -11.36
C PHE B 27 -1.99 13.54 -10.70
N VAL B 28 -3.19 13.67 -11.25
CA VAL B 28 -4.37 12.95 -10.71
C VAL B 28 -4.10 11.45 -10.65
N HIS B 29 -3.62 10.89 -11.75
CA HIS B 29 -3.36 9.46 -11.86
C HIS B 29 -2.30 8.96 -10.88
N LEU B 30 -1.23 9.72 -10.70
CA LEU B 30 -0.18 9.38 -9.73
C LEU B 30 -0.72 9.24 -8.30
N LEU B 31 -1.67 10.11 -7.94
CA LEU B 31 -2.26 10.07 -6.59
C LEU B 31 -2.98 8.75 -6.35
N ARG B 32 -3.67 8.25 -7.37
CA ARG B 32 -4.29 6.92 -7.29
C ARG B 32 -3.26 5.82 -7.06
N LEU B 33 -2.12 5.93 -7.75
CA LEU B 33 -1.04 4.94 -7.67
C LEU B 33 -0.26 4.95 -6.36
N LYS B 34 -0.11 6.12 -5.74
CA LYS B 34 0.77 6.28 -4.55
C LYS B 34 0.12 5.99 -3.19
N ASP B 35 -1.20 5.79 -3.18
CA ASP B 35 -2.01 5.74 -1.95
C ASP B 35 -1.79 4.41 -1.23
N THR B 36 -1.04 4.45 -0.12
CA THR B 36 -0.88 3.28 0.77
C THR B 36 -1.75 3.29 2.02
N THR B 38 -5.19 3.80 2.01
CA THR B 38 -6.42 3.10 1.61
C THR B 38 -6.28 1.55 1.65
N PRO B 39 -5.26 0.98 0.96
CA PRO B 39 -5.22 -0.48 0.97
C PRO B 39 -4.99 -1.13 2.33
N TRP B 40 -4.41 -0.41 3.29
CA TRP B 40 -4.23 -0.93 4.67
C TRP B 40 -5.39 -0.59 5.59
N ALA B 41 -6.03 0.55 5.34
CA ALA B 41 -7.34 0.83 5.93
C ALA B 41 -8.28 -0.33 5.59
N LEU B 42 -8.36 -0.66 4.30
CA LEU B 42 -9.22 -1.73 3.81
C LEU B 42 -8.95 -3.09 4.48
N ARG B 43 -7.67 -3.47 4.58
CA ARG B 43 -7.30 -4.75 5.19
C ARG B 43 -7.58 -4.74 6.70
N ALA B 44 -7.34 -3.60 7.35
CA ALA B 44 -7.65 -3.44 8.78
C ALA B 44 -9.13 -3.64 9.05
N VAL B 45 -9.94 -2.96 8.27
CA VAL B 45 -11.39 -3.00 8.41
C VAL B 45 -11.98 -4.40 8.10
N VAL B 46 -11.35 -5.15 7.19
CA VAL B 46 -11.78 -6.52 6.87
C VAL B 46 -11.38 -7.49 7.99
N THR B 47 -10.15 -7.33 8.51
CA THR B 47 -9.65 -8.10 9.65
C THR B 47 -10.58 -7.95 10.87
N LEU B 48 -11.10 -6.73 11.07
CA LEU B 48 -11.99 -6.44 12.20
C LEU B 48 -13.44 -6.87 11.98
N GLY B 49 -13.79 -7.28 10.76
CA GLY B 49 -15.15 -7.74 10.46
C GLY B 49 -16.18 -6.64 10.34
N VAL B 50 -15.75 -5.43 9.99
CA VAL B 50 -16.66 -4.28 9.86
C VAL B 50 -17.69 -4.47 8.72
N PRO B 51 -17.30 -5.11 7.60
CA PRO B 51 -18.29 -5.40 6.54
C PRO B 51 -19.40 -6.35 6.99
N ASP B 52 -19.05 -7.38 7.78
CA ASP B 52 -20.05 -8.24 8.42
C ASP B 52 -20.93 -7.43 9.37
N LEU B 53 -20.33 -6.57 10.19
CA LEU B 53 -21.06 -5.76 11.17
C LEU B 53 -22.12 -4.84 10.56
N VAL B 54 -21.88 -4.34 9.34
CA VAL B 54 -22.81 -3.42 8.67
C VAL B 54 -23.68 -4.07 7.58
N ALA B 55 -23.61 -5.39 7.43
CA ALA B 55 -24.38 -6.11 6.40
C ALA B 55 -25.90 -5.86 6.50
N GLU B 56 -26.40 -5.76 7.73
CA GLU B 56 -27.82 -5.54 7.99
C GLU B 56 -28.22 -4.09 7.68
N GLY B 57 -27.32 -3.16 7.95
CA GLY B 57 -27.55 -1.75 7.62
C GLY B 57 -26.59 -0.84 8.37
N GLU B 58 -26.96 0.44 8.42
CA GLU B 58 -26.19 1.47 9.12
C GLU B 58 -25.86 1.06 10.55
N LYS B 59 -24.62 1.33 10.95
CA LYS B 59 -24.20 1.17 12.33
C LYS B 59 -23.46 2.43 12.76
N ASP B 60 -23.67 2.82 14.01
CA ASP B 60 -22.94 3.93 14.62
C ASP B 60 -21.51 3.46 14.91
N VAL B 61 -20.58 4.41 14.98
CA VAL B 61 -19.15 4.08 15.21
C VAL B 61 -18.96 3.50 16.60
N SER B 62 -19.67 4.05 17.59
CA SER B 62 -19.68 3.51 18.94
C SER B 62 -19.86 1.98 18.97
N GLU B 63 -20.83 1.47 18.22
CA GLU B 63 -21.11 0.02 18.17
C GLU B 63 -20.07 -0.76 17.37
N LEU B 64 -19.66 -0.20 16.23
CA LEU B 64 -18.61 -0.79 15.40
C LEU B 64 -17.32 -0.90 16.21
N ALA B 65 -16.94 0.21 16.84
CA ALA B 65 -15.77 0.27 17.72
C ALA B 65 -15.84 -0.72 18.90
N GLN B 66 -17.00 -0.80 19.54
CA GLN B 66 -17.19 -1.75 20.64
C GLN B 66 -17.05 -3.19 20.14
N ARG B 67 -17.64 -3.49 18.99
CA ARG B 67 -17.70 -4.88 18.50
C ARG B 67 -16.41 -5.34 17.82
N SER B 68 -15.71 -4.41 17.17
CA SER B 68 -14.29 -4.61 16.84
C SER B 68 -13.46 -4.36 18.12
N GLY B 69 -12.16 -4.62 18.09
CA GLY B 69 -11.32 -4.36 19.27
C GLY B 69 -10.80 -2.92 19.39
N ALA B 70 -11.54 -1.96 18.83
CA ALA B 70 -10.95 -0.71 18.34
C ALA B 70 -11.32 0.52 19.16
N VAL B 71 -10.43 1.52 19.14
CA VAL B 71 -10.72 2.85 19.66
C VAL B 71 -11.68 3.52 18.69
N PRO B 72 -12.77 4.13 19.20
CA PRO B 72 -13.79 4.74 18.33
C PRO B 72 -13.28 5.77 17.33
N ASP B 73 -12.47 6.71 17.81
CA ASP B 73 -11.91 7.77 16.96
C ASP B 73 -10.99 7.20 15.86
N ALA B 74 -10.16 6.24 16.23
CA ALA B 74 -9.28 5.57 15.27
C ALA B 74 -10.09 4.91 14.16
N LEU B 75 -11.08 4.12 14.57
CA LEU B 75 -11.97 3.44 13.61
C LEU B 75 -12.78 4.42 12.76
N ARG B 76 -13.31 5.48 13.38
CA ARG B 76 -14.10 6.48 12.63
C ARG B 76 -13.30 7.05 11.47
N ARG B 77 -12.06 7.45 11.76
CA ARG B 77 -11.22 8.12 10.79
C ARG B 77 -10.79 7.16 9.68
N VAL B 78 -10.49 5.93 10.06
CA VAL B 78 -10.26 4.86 9.07
C VAL B 78 -11.48 4.69 8.16
N LEU B 79 -12.67 4.62 8.75
CA LEU B 79 -13.90 4.39 7.99
C LEU B 79 -14.28 5.54 7.06
N ARG B 80 -13.96 6.78 7.43
CA ARG B 80 -14.32 7.90 6.55
C ARG B 80 -13.40 8.07 5.32
N LEU B 81 -12.15 7.59 5.41
CA LEU B 81 -11.31 7.45 4.21
C LEU B 81 -11.95 6.41 3.27
N LEU B 82 -12.29 5.25 3.81
CA LEU B 82 -12.94 4.19 3.02
C LEU B 82 -14.36 4.58 2.54
N ALA B 83 -15.02 5.50 3.26
CA ALA B 83 -16.27 6.10 2.80
C ALA B 83 -16.05 6.91 1.52
N ARG B 84 -15.03 7.76 1.49
CA ARG B 84 -14.76 8.57 0.28
C ARG B 84 -14.27 7.75 -0.90
N ARG B 85 -13.78 6.53 -0.64
CA ARG B 85 -13.40 5.58 -1.70
C ARG B 85 -14.54 4.61 -2.13
N GLY B 86 -15.73 4.75 -1.55
CA GLY B 86 -16.91 3.98 -1.97
C GLY B 86 -17.12 2.60 -1.34
N VAL B 87 -16.34 2.27 -0.31
CA VAL B 87 -16.43 0.97 0.37
C VAL B 87 -17.62 0.93 1.32
N PHE B 88 -17.80 2.01 2.09
CA PHE B 88 -18.96 2.15 2.96
C PHE B 88 -19.72 3.41 2.61
N THR B 89 -20.90 3.53 3.18
CA THR B 89 -21.72 4.72 3.07
C THR B 89 -21.60 5.45 4.41
N GLU B 90 -21.61 6.79 4.40
CA GLU B 90 -21.83 7.55 5.63
C GLU B 90 -22.89 8.64 5.41
N PRO B 91 -24.18 8.30 5.66
CA PRO B 91 -25.31 9.21 5.38
C PRO B 91 -25.42 10.43 6.31
N ARG B 92 -25.15 10.23 7.61
CA ARG B 92 -24.89 11.30 8.56
C ARG B 92 -23.45 11.15 9.07
N PRO B 93 -22.93 12.16 9.80
CA PRO B 93 -21.61 11.98 10.42
C PRO B 93 -21.54 10.79 11.38
N ALA B 94 -20.45 10.03 11.30
CA ALA B 94 -20.16 8.94 12.26
C ALA B 94 -21.13 7.75 12.25
N VAL B 95 -21.80 7.50 11.13
CA VAL B 95 -22.58 6.26 10.93
C VAL B 95 -22.20 5.66 9.58
N PHE B 96 -21.91 4.37 9.59
CA PHE B 96 -21.39 3.69 8.40
C PHE B 96 -22.26 2.50 8.02
N GLY B 97 -22.53 2.38 6.73
CA GLY B 97 -23.41 1.33 6.21
C GLY B 97 -22.79 0.61 5.03
N PRO B 98 -23.47 -0.45 4.55
CA PRO B 98 -22.91 -1.31 3.53
C PRO B 98 -23.03 -0.75 2.11
N THR B 99 -22.23 -1.30 1.21
CA THR B 99 -22.28 -1.02 -0.24
C THR B 99 -21.99 -2.30 -0.99
N GLY B 100 -22.20 -2.27 -2.31
CA GLY B 100 -21.78 -3.37 -3.18
C GLY B 100 -20.35 -3.81 -2.97
N LEU B 101 -19.46 -2.85 -2.65
CA LEU B 101 -18.08 -3.16 -2.30
C LEU B 101 -17.96 -3.89 -0.97
N SER B 102 -18.62 -3.38 0.07
CA SER B 102 -18.55 -4.03 1.39
C SER B 102 -19.18 -5.41 1.39
N ARG B 103 -20.26 -5.61 0.61
CA ARG B 103 -20.89 -6.94 0.48
C ARG B 103 -19.86 -8.02 0.11
N LEU B 104 -19.02 -7.70 -0.88
CA LEU B 104 -17.94 -8.61 -1.31
C LEU B 104 -16.89 -8.93 -0.22
N LEU B 105 -16.82 -8.13 0.85
CA LEU B 105 -15.89 -8.34 1.96
C LEU B 105 -16.47 -9.11 3.17
N GLN B 106 -17.74 -9.51 3.08
CA GLN B 106 -18.40 -10.28 4.16
C GLN B 106 -17.94 -11.75 4.05
N SER B 107 -17.88 -12.48 5.16
CA SER B 107 -17.43 -13.90 5.14
C SER B 107 -18.51 -14.73 4.45
N ASP B 108 -19.73 -14.55 4.95
CA ASP B 108 -21.00 -14.67 4.24
C ASP B 108 -20.99 -14.87 2.71
N HIS B 109 -20.35 -13.95 1.98
CA HIS B 109 -20.55 -13.77 0.53
C HIS B 109 -19.99 -14.92 -0.34
N PRO B 110 -20.68 -15.28 -1.47
CA PRO B 110 -20.22 -16.39 -2.33
C PRO B 110 -18.89 -16.19 -3.05
N ARG B 111 -18.72 -15.06 -3.74
CA ARG B 111 -17.42 -14.63 -4.32
C ARG B 111 -16.60 -13.77 -3.34
N SER B 112 -16.53 -14.17 -2.07
CA SER B 112 -15.97 -13.30 -1.02
C SER B 112 -14.47 -13.10 -1.15
N ARG B 114 -12.73 -11.64 1.42
CA ARG B 114 -12.19 -11.57 2.78
C ARG B 114 -10.90 -12.36 2.97
N PRO B 115 -10.87 -13.66 2.60
CA PRO B 115 -9.61 -14.42 2.79
C PRO B 115 -8.36 -13.86 2.10
N TRP B 116 -8.53 -13.05 1.06
CA TRP B 116 -7.41 -12.38 0.39
C TRP B 116 -7.01 -11.08 1.11
N LEU B 117 -7.90 -10.54 1.96
CA LEU B 117 -7.67 -9.28 2.70
C LEU B 117 -7.64 -9.36 4.24
N ASP B 118 -7.92 -10.52 4.83
CA ASP B 118 -7.90 -10.68 6.30
C ASP B 118 -6.48 -10.90 6.78
N LEU B 119 -5.97 -9.96 7.59
CA LEU B 119 -4.59 -10.04 8.11
C LEU B 119 -4.37 -11.12 9.18
N GLU B 120 -5.44 -11.64 9.75
CA GLU B 120 -5.34 -12.83 10.60
C GLU B 120 -5.10 -14.09 9.75
N GLY B 121 -5.55 -14.07 8.49
CA GLY B 121 -5.27 -15.13 7.53
C GLY B 121 -3.95 -14.94 6.81
N PRO B 122 -3.45 -16.00 6.14
CA PRO B 122 -2.09 -16.07 5.60
C PRO B 122 -1.81 -15.20 4.37
N VAL B 123 -2.82 -14.96 3.53
CA VAL B 123 -2.61 -14.28 2.26
C VAL B 123 -2.30 -12.80 2.51
N ALA B 124 -3.23 -12.09 3.13
CA ALA B 124 -3.02 -10.68 3.45
C ALA B 124 -1.85 -10.45 4.42
N ARG B 125 -1.54 -11.45 5.25
CA ARG B 125 -0.35 -11.42 6.12
C ARG B 125 0.92 -11.16 5.32
N GLY B 126 1.07 -11.85 4.20
CA GLY B 126 2.20 -11.67 3.29
C GLY B 126 2.36 -10.26 2.75
N ASP B 127 1.25 -9.54 2.56
CA ASP B 127 1.26 -8.17 2.05
C ASP B 127 2.07 -7.18 2.89
N ARG B 128 2.28 -7.45 4.18
CA ARG B 128 3.16 -6.62 5.00
C ARG B 128 4.60 -6.55 4.47
N THR B 129 4.99 -7.49 3.61
CA THR B 129 6.33 -7.49 2.99
C THR B 129 6.60 -6.32 2.04
N CYS B 130 5.55 -5.59 1.64
CA CYS B 130 5.68 -4.46 0.71
C CYS B 130 6.66 -3.39 1.18
N VAL B 131 6.69 -3.14 2.48
CA VAL B 131 7.60 -2.14 3.06
C VAL B 131 9.08 -2.50 2.89
N HIS B 132 9.39 -3.79 2.73
CA HIS B 132 10.76 -4.25 2.48
C HIS B 132 11.09 -4.48 0.99
N ILE B 133 10.37 -3.82 0.09
CA ILE B 133 10.60 -3.96 -1.36
C ILE B 133 12.01 -3.55 -1.83
N LEU B 134 12.60 -2.53 -1.20
CA LEU B 134 13.98 -2.14 -1.52
C LEU B 134 14.99 -3.25 -1.23
N GLU B 135 14.80 -3.95 -0.11
CA GLU B 135 15.63 -5.11 0.24
C GLU B 135 15.49 -6.23 -0.80
N ALA B 136 14.29 -6.41 -1.34
CA ALA B 136 14.02 -7.42 -2.38
C ALA B 136 14.66 -7.08 -3.75
N LEU B 137 14.80 -5.79 -4.06
CA LEU B 137 15.55 -5.34 -5.24
C LEU B 137 17.08 -5.48 -5.06
N ARG B 138 17.51 -5.32 -3.81
CA ARG B 138 18.92 -5.43 -3.42
C ARG B 138 19.45 -6.85 -3.63
N THR B 139 18.77 -7.83 -3.02
CA THR B 139 19.20 -9.25 -3.03
C THR B 139 18.55 -10.11 -4.12
N GLY B 140 17.34 -9.74 -4.54
CA GLY B 140 16.56 -10.53 -5.50
C GLY B 140 15.54 -11.46 -4.85
N GLY B 141 15.91 -12.07 -3.73
CA GLY B 141 15.10 -13.09 -3.08
C GLY B 141 14.03 -12.54 -2.15
N PRO B 142 13.21 -13.44 -1.56
CA PRO B 142 12.05 -13.05 -0.74
C PRO B 142 12.40 -12.30 0.55
N VAL B 143 11.40 -11.65 1.14
CA VAL B 143 11.56 -10.87 2.37
C VAL B 143 10.49 -11.18 3.42
N HIS B 144 9.88 -12.36 3.33
CA HIS B 144 8.92 -12.82 4.33
C HIS B 144 9.64 -13.15 5.63
N GLU B 145 10.85 -13.69 5.50
CA GLU B 145 11.73 -13.94 6.65
C GLU B 145 12.14 -12.64 7.35
N ARG B 146 12.51 -11.62 6.57
CA ARG B 146 12.80 -10.31 7.13
C ARG B 146 11.60 -9.74 7.91
N THR B 147 10.39 -9.92 7.38
CA THR B 147 9.18 -9.34 7.97
C THR B 147 8.69 -10.10 9.21
N TYR B 148 8.78 -11.43 9.20
CA TYR B 148 8.10 -12.27 10.20
C TYR B 148 8.95 -13.26 11.00
N GLY B 149 10.24 -13.39 10.69
CA GLY B 149 11.11 -14.34 11.36
C GLY B 149 11.40 -15.62 10.60
N ARG B 150 10.47 -16.06 9.73
CA ARG B 150 10.68 -17.25 8.88
C ARG B 150 10.16 -17.05 7.45
N PRO B 151 10.72 -17.81 6.48
CA PRO B 151 10.17 -17.76 5.11
C PRO B 151 8.78 -18.39 5.04
N VAL B 152 7.99 -17.94 4.06
CA VAL B 152 6.55 -18.23 4.02
C VAL B 152 6.16 -19.68 4.34
N TRP B 153 6.85 -20.66 3.76
CA TRP B 153 6.47 -22.07 3.92
C TRP B 153 6.68 -22.58 5.33
N GLU B 154 7.71 -22.08 5.98
CA GLU B 154 8.17 -22.64 7.25
C GLU B 154 7.30 -22.20 8.42
N ASP B 155 6.82 -20.96 8.42
CA ASP B 155 5.85 -20.54 9.45
C ASP B 155 4.40 -20.79 9.06
N LEU B 156 4.12 -21.14 7.80
CA LEU B 156 2.82 -21.73 7.46
C LEU B 156 2.73 -23.15 8.00
N ALA B 157 3.85 -23.88 7.92
CA ALA B 157 3.96 -25.22 8.50
C ALA B 157 4.00 -25.21 10.04
N ALA B 158 4.62 -24.18 10.62
CA ALA B 158 4.72 -24.04 12.08
C ALA B 158 3.45 -23.47 12.77
N ARG B 159 2.44 -23.07 11.99
CA ARG B 159 1.16 -22.59 12.55
C ARG B 159 -0.01 -23.30 11.86
N PRO B 160 -0.38 -24.51 12.34
CA PRO B 160 -1.46 -25.33 11.75
C PRO B 160 -2.75 -24.58 11.39
N ALA B 161 -3.16 -23.63 12.23
CA ALA B 161 -4.38 -22.84 11.98
C ALA B 161 -4.27 -21.98 10.70
N LEU B 162 -3.11 -21.35 10.48
CA LEU B 162 -2.82 -20.65 9.23
C LEU B 162 -2.75 -21.62 8.05
N GLY B 163 -2.19 -22.80 8.29
CA GLY B 163 -2.12 -23.87 7.30
C GLY B 163 -3.46 -24.26 6.73
N ALA B 164 -4.46 -24.41 7.60
CA ALA B 164 -5.83 -24.73 7.18
C ALA B 164 -6.49 -23.53 6.47
N ALA B 165 -6.28 -22.34 7.01
CA ALA B 165 -6.81 -21.08 6.42
C ALA B 165 -6.23 -20.80 5.03
N PHE B 166 -4.98 -21.19 4.82
CA PHE B 166 -4.32 -21.14 3.51
C PHE B 166 -5.01 -22.11 2.53
N ASP B 167 -5.20 -23.36 2.98
CA ASP B 167 -5.82 -24.40 2.16
C ASP B 167 -7.28 -24.10 1.84
N ALA B 168 -8.00 -23.53 2.81
CA ALA B 168 -9.38 -23.06 2.61
C ALA B 168 -9.46 -21.90 1.61
N ALA B 169 -8.48 -21.00 1.67
CA ALA B 169 -8.41 -19.85 0.74
C ALA B 169 -7.98 -20.24 -0.68
N ALA B 171 -8.55 -23.32 -1.92
CA ALA B 171 -9.70 -24.10 -2.40
C ALA B 171 -10.81 -23.23 -3.01
N GLN B 172 -10.89 -21.97 -2.59
CA GLN B 172 -11.83 -21.00 -3.15
C GLN B 172 -11.42 -20.52 -4.54
N ARG B 173 -10.12 -20.35 -4.77
CA ARG B 173 -9.59 -20.05 -6.11
C ARG B 173 -9.66 -21.28 -7.01
N ALA B 174 -9.45 -22.46 -6.42
CA ALA B 174 -9.64 -23.75 -7.10
C ALA B 174 -11.08 -23.92 -7.59
N SER B 175 -12.03 -23.58 -6.73
CA SER B 175 -13.46 -23.72 -7.01
C SER B 175 -13.90 -22.99 -8.29
N TRP B 176 -13.47 -21.74 -8.44
CA TRP B 176 -13.87 -20.91 -9.59
C TRP B 176 -13.17 -21.23 -10.93
N ILE B 177 -12.10 -22.04 -10.89
CA ILE B 177 -11.34 -22.39 -12.09
C ILE B 177 -11.35 -23.89 -12.47
N ALA B 178 -11.94 -24.74 -11.63
CA ALA B 178 -11.92 -26.20 -11.84
C ALA B 178 -12.72 -26.68 -13.05
N GLY B 179 -13.87 -26.05 -13.29
CA GLY B 179 -14.71 -26.35 -14.46
C GLY B 179 -13.97 -26.10 -15.77
N ASP B 180 -13.24 -24.99 -15.83
CA ASP B 180 -12.46 -24.64 -17.01
C ASP B 180 -11.31 -25.61 -17.30
N VAL B 181 -10.73 -26.20 -16.25
CA VAL B 181 -9.63 -27.18 -16.40
C VAL B 181 -10.13 -28.49 -17.02
N ALA B 182 -11.27 -29.00 -16.53
CA ALA B 182 -11.86 -30.25 -17.03
C ALA B 182 -12.13 -30.22 -18.54
N ALA B 183 -12.89 -29.21 -18.98
CA ALA B 183 -13.26 -29.07 -20.40
C ALA B 183 -12.11 -28.60 -21.30
N GLY B 184 -11.13 -27.90 -20.71
CA GLY B 184 -9.99 -27.39 -21.45
C GLY B 184 -8.99 -28.42 -21.95
N PHE B 185 -8.93 -29.57 -21.27
CA PHE B 185 -8.08 -30.71 -21.68
C PHE B 185 -8.90 -31.85 -22.30
N ASP B 186 -8.20 -32.66 -23.10
CA ASP B 186 -8.75 -33.89 -23.69
C ASP B 186 -8.32 -35.07 -22.82
N TRP B 187 -9.29 -35.72 -22.18
CA TRP B 187 -9.01 -36.80 -21.21
C TRP B 187 -9.08 -38.22 -21.79
N SER B 188 -9.36 -38.33 -23.10
CA SER B 188 -9.52 -39.62 -23.80
C SER B 188 -8.32 -40.55 -23.65
N ALA B 189 -7.12 -40.00 -23.79
CA ALA B 189 -5.89 -40.78 -23.66
C ALA B 189 -5.46 -41.05 -22.21
N VAL B 190 -6.28 -40.68 -21.23
CA VAL B 190 -5.89 -40.76 -19.82
C VAL B 190 -6.67 -41.84 -19.07
N ARG B 191 -5.96 -42.54 -18.18
CA ARG B 191 -6.54 -43.54 -17.25
C ARG B 191 -6.57 -42.96 -15.84
N HIS B 192 -5.39 -42.64 -15.31
CA HIS B 192 -5.19 -42.26 -13.92
C HIS B 192 -4.46 -40.93 -13.81
N VAL B 193 -5.23 -39.87 -13.49
CA VAL B 193 -4.69 -38.51 -13.35
C VAL B 193 -4.14 -38.36 -11.92
N ASP B 195 -3.41 -35.01 -9.51
CA ASP B 195 -3.32 -33.58 -9.23
C ASP B 195 -2.21 -33.33 -8.21
N VAL B 196 -1.06 -32.90 -8.72
CA VAL B 196 0.13 -32.68 -7.91
C VAL B 196 0.06 -31.27 -7.34
N GLY B 197 0.31 -31.14 -6.04
CA GLY B 197 0.10 -29.89 -5.31
C GLY B 197 -1.34 -29.39 -5.39
N GLY B 198 -2.27 -30.33 -5.55
CA GLY B 198 -3.66 -30.05 -5.90
C GLY B 198 -4.56 -29.52 -4.80
N GLY B 199 -4.03 -29.43 -3.57
CA GLY B 199 -4.71 -28.77 -2.45
C GLY B 199 -5.68 -29.71 -1.75
N THR B 200 -6.88 -29.23 -1.50
CA THR B 200 -8.00 -30.07 -1.07
C THR B 200 -8.52 -30.95 -2.21
N GLY B 201 -8.30 -30.51 -3.45
CA GLY B 201 -8.57 -31.31 -4.65
C GLY B 201 -9.88 -30.98 -5.35
N GLY B 202 -10.23 -29.70 -5.40
CA GLY B 202 -11.44 -29.25 -6.10
C GLY B 202 -11.34 -29.37 -7.61
N VAL B 203 -10.12 -29.35 -8.14
CA VAL B 203 -9.90 -29.48 -9.59
C VAL B 203 -9.93 -30.95 -10.01
N LEU B 204 -9.40 -31.83 -9.16
CA LEU B 204 -9.47 -33.27 -9.41
C LEU B 204 -10.91 -33.79 -9.34
N ALA B 205 -11.66 -33.35 -8.33
CA ALA B 205 -13.04 -33.79 -8.11
C ALA B 205 -13.96 -33.44 -9.29
N GLU B 206 -13.91 -32.19 -9.73
CA GLU B 206 -14.67 -31.74 -10.91
C GLU B 206 -14.22 -32.46 -12.19
N VAL B 207 -12.94 -32.83 -12.26
CA VAL B 207 -12.42 -33.67 -13.35
C VAL B 207 -12.95 -35.12 -13.25
N LEU B 208 -12.93 -35.72 -12.06
CA LEU B 208 -13.30 -37.13 -11.88
C LEU B 208 -14.78 -37.46 -12.11
N ARG B 209 -15.69 -36.51 -11.87
CA ARG B 209 -17.13 -36.72 -12.11
C ARG B 209 -17.64 -36.16 -13.46
N ALA B 210 -16.90 -35.25 -14.08
CA ALA B 210 -17.12 -34.86 -15.49
C ALA B 210 -16.55 -35.90 -16.48
N ARG B 211 -15.72 -36.81 -15.98
CA ARG B 211 -15.18 -37.95 -16.74
C ARG B 211 -15.26 -39.22 -15.87
N PRO B 212 -16.39 -39.96 -15.93
CA PRO B 212 -16.65 -41.11 -15.05
C PRO B 212 -15.61 -42.23 -15.07
N GLY B 213 -15.00 -42.48 -16.23
CA GLY B 213 -14.06 -43.58 -16.41
C GLY B 213 -12.71 -43.46 -15.71
N LEU B 214 -12.30 -42.23 -15.41
CA LEU B 214 -10.94 -41.95 -14.92
C LEU B 214 -10.68 -42.40 -13.48
N LYS B 215 -9.40 -42.54 -13.14
CA LYS B 215 -8.93 -42.71 -11.76
C LYS B 215 -8.26 -41.41 -11.32
N GLY B 216 -8.01 -41.28 -10.01
CA GLY B 216 -7.43 -40.06 -9.44
C GLY B 216 -6.39 -40.32 -8.36
N THR B 217 -5.55 -39.31 -8.13
CA THR B 217 -4.67 -39.24 -6.95
C THR B 217 -4.45 -37.76 -6.61
N LEU B 218 -4.44 -37.44 -5.33
CA LEU B 218 -4.23 -36.08 -4.87
C LEU B 218 -3.00 -36.06 -3.96
N LEU B 219 -1.90 -35.50 -4.45
CA LEU B 219 -0.70 -35.32 -3.63
C LEU B 219 -0.60 -33.87 -3.15
N ASP B 220 -0.57 -33.73 -1.82
CA ASP B 220 -0.22 -32.48 -1.16
C ASP B 220 0.29 -32.91 0.23
N ARG B 221 0.28 -32.02 1.23
CA ARG B 221 0.66 -32.41 2.60
C ARG B 221 -0.49 -33.16 3.30
N ALA B 222 -0.13 -34.00 4.26
CA ALA B 222 -1.06 -34.94 4.92
C ALA B 222 -2.31 -34.31 5.56
N PRO B 223 -2.17 -33.19 6.30
CA PRO B 223 -3.37 -32.51 6.83
C PRO B 223 -4.20 -31.78 5.76
N THR B 224 -3.54 -31.33 4.68
CA THR B 224 -4.23 -30.72 3.54
C THR B 224 -5.09 -31.75 2.79
N VAL B 225 -4.54 -32.94 2.56
CA VAL B 225 -5.25 -34.02 1.84
C VAL B 225 -6.26 -34.79 2.71
N ALA B 226 -5.94 -35.01 3.98
CA ALA B 226 -6.88 -35.62 4.93
C ALA B 226 -8.15 -34.76 5.10
N ALA B 227 -7.99 -33.44 5.01
CA ALA B 227 -9.12 -32.51 4.99
C ALA B 227 -9.88 -32.58 3.67
N GLY B 228 -9.17 -32.76 2.56
CA GLY B 228 -9.77 -33.03 1.26
C GLY B 228 -10.49 -34.38 1.18
N ARG B 229 -9.98 -35.35 1.93
CA ARG B 229 -10.65 -36.65 2.11
C ARG B 229 -11.99 -36.49 2.83
N GLU B 230 -12.01 -35.65 3.86
CA GLU B 230 -13.22 -35.36 4.63
C GLU B 230 -14.27 -34.57 3.82
N ALA B 231 -13.83 -33.74 2.88
CA ALA B 231 -14.72 -32.88 2.09
C ALA B 231 -15.48 -33.64 1.01
N TRP B 232 -14.76 -34.42 0.21
CA TRP B 232 -15.35 -35.15 -0.93
C TRP B 232 -14.82 -36.58 -1.17
N GLY B 233 -14.05 -37.14 -0.22
CA GLY B 233 -13.56 -38.52 -0.30
C GLY B 233 -14.65 -39.58 -0.13
N ALA B 234 -15.78 -39.17 0.47
CA ALA B 234 -16.98 -40.01 0.58
C ALA B 234 -17.78 -40.07 -0.73
N SER B 235 -17.78 -38.99 -1.53
CA SER B 235 -18.56 -38.91 -2.79
C SER B 235 -18.09 -39.91 -3.85
N GLU B 236 -18.85 -40.03 -4.95
CA GLU B 236 -18.57 -41.03 -6.00
C GLU B 236 -17.21 -40.81 -6.68
N ALA B 237 -16.84 -39.54 -6.84
CA ALA B 237 -15.52 -39.17 -7.35
C ALA B 237 -14.42 -39.60 -6.39
N GLY B 238 -14.65 -39.34 -5.10
CA GLY B 238 -13.68 -39.65 -4.04
C GLY B 238 -13.36 -41.10 -3.78
N GLN B 239 -14.25 -42.01 -4.18
CA GLN B 239 -14.00 -43.45 -4.04
C GLN B 239 -12.89 -43.94 -4.99
N ARG B 240 -12.80 -43.31 -6.16
CA ARG B 240 -11.76 -43.63 -7.15
C ARG B 240 -10.44 -42.86 -6.98
N CYS B 241 -10.38 -41.95 -6.00
CA CYS B 241 -9.21 -41.08 -5.75
C CYS B 241 -8.40 -41.53 -4.54
N THR B 242 -7.10 -41.79 -4.74
CA THR B 242 -6.16 -42.06 -3.64
C THR B 242 -5.70 -40.74 -3.02
N PHE B 243 -6.17 -40.45 -1.80
CA PHE B 243 -5.79 -39.21 -1.09
C PHE B 243 -4.48 -39.41 -0.35
N SER B 244 -3.37 -39.23 -1.06
CA SER B 244 -2.01 -39.52 -0.53
C SER B 244 -1.33 -38.28 0.02
N GLY B 245 -0.93 -38.34 1.30
CA GLY B 245 -0.16 -37.27 1.93
C GLY B 245 1.31 -37.40 1.58
N GLY B 246 1.96 -36.30 1.21
CA GLY B 246 3.38 -36.34 0.85
C GLY B 246 4.02 -35.02 0.44
N SER B 247 5.06 -35.11 -0.39
CA SER B 247 5.85 -33.97 -0.86
C SER B 247 6.23 -34.14 -2.34
N PHE B 248 5.77 -33.22 -3.19
CA PHE B 248 6.04 -33.33 -4.64
C PHE B 248 7.50 -33.10 -5.07
N PHE B 249 8.37 -32.70 -4.13
CA PHE B 249 9.82 -32.64 -4.37
C PHE B 249 10.50 -34.00 -4.27
N ASP B 250 9.97 -34.89 -3.44
CA ASP B 250 10.40 -36.29 -3.36
C ASP B 250 9.72 -37.09 -4.49
N THR B 251 10.13 -38.35 -4.65
CA THR B 251 9.53 -39.24 -5.64
C THR B 251 8.01 -39.32 -5.45
N LEU B 252 7.26 -39.08 -6.52
CA LEU B 252 5.80 -39.12 -6.45
C LEU B 252 5.35 -40.58 -6.38
N PRO B 253 4.14 -40.83 -5.84
CA PRO B 253 3.48 -42.13 -6.01
C PRO B 253 3.53 -42.73 -7.42
N SER B 254 3.47 -44.05 -7.49
CA SER B 254 3.77 -44.80 -8.71
C SER B 254 2.50 -45.10 -9.50
N GLY B 255 2.63 -45.23 -10.82
CA GLY B 255 1.55 -45.70 -11.68
C GLY B 255 0.44 -44.71 -11.99
N ALA B 256 0.83 -43.49 -12.38
CA ALA B 256 -0.07 -42.55 -13.04
C ALA B 256 0.41 -42.36 -14.48
N ASP B 257 -0.52 -42.06 -15.38
CA ASP B 257 -0.18 -41.72 -16.77
C ASP B 257 -0.42 -40.24 -17.10
N ALA B 258 -0.79 -39.44 -16.09
CA ALA B 258 -0.81 -37.97 -16.23
C ALA B 258 -0.61 -37.28 -14.87
N CYS B 259 0.07 -36.13 -14.91
CA CYS B 259 0.21 -35.25 -13.76
C CYS B 259 -0.39 -33.89 -14.09
N LEU B 260 -1.18 -33.36 -13.15
CA LEU B 260 -1.85 -32.06 -13.30
C LEU B 260 -1.17 -31.07 -12.34
N LEU B 261 -0.79 -29.91 -12.87
CA LEU B 261 -0.17 -28.83 -12.09
C LEU B 261 -0.97 -27.54 -12.29
N VAL B 262 -1.95 -27.33 -11.41
CA VAL B 262 -2.86 -26.18 -11.50
C VAL B 262 -2.39 -25.07 -10.56
N ASN B 263 -1.86 -23.99 -11.16
CA ASN B 263 -1.30 -22.86 -10.42
C ASN B 263 -0.40 -23.30 -9.26
N VAL B 264 0.59 -24.15 -9.56
CA VAL B 264 1.56 -24.59 -8.53
C VAL B 264 3.00 -24.09 -8.80
N LEU B 265 3.39 -23.92 -10.07
CA LEU B 265 4.75 -23.47 -10.41
C LEU B 265 5.05 -22.01 -10.04
N HIS B 266 4.04 -21.13 -10.11
CA HIS B 266 4.24 -19.71 -9.79
C HIS B 266 4.66 -19.42 -8.33
N ASP B 267 4.47 -20.41 -7.45
CA ASP B 267 4.97 -20.36 -6.08
C ASP B 267 6.49 -20.55 -5.90
N TRP B 268 7.17 -21.04 -6.93
CA TRP B 268 8.52 -21.56 -6.79
C TRP B 268 9.53 -20.88 -7.69
N ALA B 269 10.72 -20.62 -7.14
CA ALA B 269 11.86 -20.16 -7.92
C ALA B 269 12.24 -21.24 -8.93
N ASP B 270 12.83 -20.81 -10.05
CA ASP B 270 13.19 -21.69 -11.16
C ASP B 270 13.70 -23.09 -10.74
N GLU B 271 14.64 -23.12 -9.79
CA GLU B 271 15.30 -24.39 -9.38
C GLU B 271 14.38 -25.38 -8.66
N HIS B 272 13.48 -24.88 -7.82
CA HIS B 272 12.51 -25.73 -7.13
C HIS B 272 11.41 -26.17 -8.09
N ALA B 273 10.92 -25.24 -8.90
CA ALA B 273 9.94 -25.53 -9.95
C ALA B 273 10.42 -26.57 -10.96
N LEU B 274 11.73 -26.56 -11.22
CA LEU B 274 12.36 -27.55 -12.11
C LEU B 274 12.26 -28.94 -11.50
N ALA B 275 12.73 -29.06 -10.26
CA ALA B 275 12.65 -30.30 -9.49
C ALA B 275 11.24 -30.92 -9.48
N VAL B 276 10.21 -30.07 -9.40
CA VAL B 276 8.80 -30.52 -9.42
C VAL B 276 8.43 -31.07 -10.79
N LEU B 277 8.89 -30.42 -11.87
CA LEU B 277 8.62 -30.91 -13.22
C LEU B 277 9.32 -32.24 -13.49
N ARG B 278 10.54 -32.41 -12.96
CA ARG B 278 11.26 -33.68 -13.13
C ARG B 278 10.51 -34.85 -12.50
N ARG B 279 10.03 -34.68 -11.27
CA ARG B 279 9.26 -35.71 -10.58
C ARG B 279 7.96 -36.03 -11.33
N CYS B 280 7.35 -35.02 -11.95
CA CYS B 280 6.18 -35.21 -12.82
C CYS B 280 6.52 -35.95 -14.13
N ALA B 281 7.65 -35.59 -14.74
CA ALA B 281 8.12 -36.26 -15.96
C ALA B 281 8.50 -37.73 -15.69
N GLU B 282 9.15 -37.98 -14.55
CA GLU B 282 9.54 -39.33 -14.12
C GLU B 282 8.34 -40.20 -13.76
N ALA B 283 7.38 -39.63 -13.03
CA ALA B 283 6.21 -40.38 -12.53
C ALA B 283 5.32 -40.97 -13.62
N VAL B 284 5.16 -40.26 -14.73
CA VAL B 284 4.30 -40.74 -15.84
C VAL B 284 5.01 -41.60 -16.88
N GLY B 285 6.35 -41.57 -16.90
CA GLY B 285 7.14 -42.30 -17.90
C GLY B 285 6.95 -41.78 -19.32
N PRO B 286 7.40 -42.55 -20.33
CA PRO B 286 7.19 -42.14 -21.72
C PRO B 286 5.73 -42.34 -22.10
N ARG B 287 5.29 -41.64 -23.15
CA ARG B 287 3.88 -41.61 -23.57
C ARG B 287 2.90 -41.14 -22.46
N GLY B 288 3.43 -40.39 -21.48
CA GLY B 288 2.65 -39.80 -20.41
C GLY B 288 2.48 -38.31 -20.66
N ARG B 289 1.74 -37.66 -19.78
CA ARG B 289 1.42 -36.24 -19.91
C ARG B 289 1.73 -35.52 -18.61
N VAL B 290 2.25 -34.30 -18.72
CA VAL B 290 2.30 -33.35 -17.61
C VAL B 290 1.46 -32.16 -18.06
N LEU B 291 0.28 -32.03 -17.46
CA LEU B 291 -0.68 -30.98 -17.81
C LEU B 291 -0.52 -29.80 -16.86
N ILE B 292 -0.21 -28.63 -17.42
CA ILE B 292 0.10 -27.41 -16.65
C ILE B 292 -0.96 -26.36 -16.95
N ALA B 293 -1.64 -25.88 -15.89
CA ALA B 293 -2.66 -24.83 -15.98
C ALA B 293 -2.21 -23.63 -15.14
N GLU B 294 -1.75 -22.59 -15.82
CA GLU B 294 -1.21 -21.37 -15.20
C GLU B 294 -1.75 -20.15 -15.94
N HIS B 295 -1.76 -19.01 -15.26
CA HIS B 295 -1.96 -17.71 -15.92
C HIS B 295 -0.59 -17.23 -16.38
N LEU B 296 -0.43 -17.06 -17.69
CA LEU B 296 0.87 -16.69 -18.27
C LEU B 296 0.95 -15.20 -18.56
N VAL B 297 2.15 -14.65 -18.37
CA VAL B 297 2.37 -13.22 -18.60
C VAL B 297 2.67 -13.10 -20.10
N GLU B 298 2.18 -12.03 -20.71
CA GLU B 298 2.40 -11.76 -22.13
C GLU B 298 3.41 -10.63 -22.30
N GLU B 299 4.19 -10.69 -23.39
CA GLU B 299 5.25 -9.71 -23.63
C GLU B 299 4.73 -8.29 -23.89
N GLY B 300 3.57 -8.17 -24.52
CA GLY B 300 2.98 -6.87 -24.83
C GLY B 300 2.45 -6.18 -23.59
N ALA B 301 1.12 -6.16 -23.43
CA ALA B 301 0.51 -5.73 -22.17
C ALA B 301 -0.90 -6.30 -21.93
N GLY B 302 -1.20 -7.48 -22.48
CA GLY B 302 -2.50 -8.15 -22.32
C GLY B 302 -3.73 -7.26 -22.32
N GLY B 303 -4.62 -7.45 -21.32
CA GLY B 303 -5.76 -6.55 -21.11
C GLY B 303 -7.12 -7.25 -20.96
N PRO B 304 -7.76 -7.18 -19.78
CA PRO B 304 -7.20 -6.62 -18.56
C PRO B 304 -6.24 -7.63 -17.91
N GLY B 305 -5.93 -7.46 -16.64
CA GLY B 305 -5.29 -8.51 -15.87
C GLY B 305 -3.78 -8.64 -16.02
N ALA B 306 -3.19 -7.99 -17.03
CA ALA B 306 -1.73 -7.85 -17.09
C ALA B 306 -1.24 -6.96 -15.95
N ALA B 307 -2.03 -5.95 -15.61
CA ALA B 307 -1.81 -5.13 -14.41
C ALA B 307 -1.93 -5.98 -13.14
N GLY B 308 -3.06 -6.68 -13.04
CA GLY B 308 -3.33 -7.59 -11.92
C GLY B 308 -2.33 -8.73 -11.77
N LEU B 309 -1.88 -9.28 -12.90
CA LEU B 309 -0.87 -10.35 -12.90
C LEU B 309 0.52 -9.81 -12.52
N ALA B 310 0.83 -8.58 -12.95
CA ALA B 310 2.07 -7.92 -12.55
C ALA B 310 2.08 -7.58 -11.06
N GLU B 311 0.91 -7.23 -10.52
CA GLU B 311 0.68 -7.06 -9.08
C GLU B 311 0.99 -8.36 -8.33
N LEU B 312 0.42 -9.47 -8.83
CA LEU B 312 0.56 -10.79 -8.20
C LEU B 312 2.01 -11.27 -8.25
N ASP B 313 2.67 -11.04 -9.38
CA ASP B 313 4.10 -11.36 -9.57
C ASP B 313 4.99 -10.72 -8.51
N LEU B 314 4.70 -9.47 -8.16
CA LEU B 314 5.40 -8.78 -7.06
C LEU B 314 5.10 -9.41 -5.69
N VAL B 315 3.89 -9.93 -5.48
CA VAL B 315 3.60 -10.70 -4.27
C VAL B 315 4.42 -12.01 -4.28
N LEU B 318 8.00 -11.16 -3.40
CA LEU B 318 8.20 -10.68 -2.02
C LEU B 318 7.89 -11.73 -0.95
N VAL B 319 6.75 -12.42 -1.11
CA VAL B 319 6.29 -13.39 -0.12
C VAL B 319 7.03 -14.70 -0.34
N TYR B 320 6.79 -15.31 -1.49
CA TYR B 320 7.35 -16.63 -1.84
C TYR B 320 8.62 -16.33 -2.64
N GLY B 321 9.31 -17.36 -3.10
CA GLY B 321 10.47 -17.13 -3.98
C GLY B 321 10.11 -17.12 -5.46
N GLY B 322 8.82 -16.92 -5.77
CA GLY B 322 8.25 -17.36 -7.05
C GLY B 322 8.26 -16.34 -8.16
N ARG B 323 7.43 -16.60 -9.17
CA ARG B 323 7.26 -15.70 -10.31
C ARG B 323 6.11 -16.11 -11.22
N GLU B 324 5.40 -15.13 -11.76
CA GLU B 324 4.51 -15.35 -12.90
C GLU B 324 5.38 -15.48 -14.14
N ARG B 325 5.09 -16.47 -14.98
CA ARG B 325 5.97 -16.84 -16.09
C ARG B 325 5.29 -16.69 -17.43
N ARG B 326 6.08 -16.34 -18.45
CA ARG B 326 5.66 -16.44 -19.86
C ARG B 326 5.60 -17.90 -20.27
N LEU B 327 5.06 -18.15 -21.47
CA LEU B 327 5.10 -19.50 -22.07
C LEU B 327 6.54 -20.02 -22.15
N ASP B 328 7.46 -19.17 -22.61
CA ASP B 328 8.84 -19.60 -22.84
C ASP B 328 9.64 -19.85 -21.56
N GLU B 329 9.36 -19.12 -20.48
CA GLU B 329 9.93 -19.46 -19.17
C GLU B 329 9.50 -20.86 -18.71
N LEU B 330 8.25 -21.19 -19.01
CA LEU B 330 7.73 -22.55 -18.81
C LEU B 330 8.43 -23.56 -19.73
N ALA B 331 8.59 -23.21 -21.01
CA ALA B 331 9.24 -24.07 -22.00
C ALA B 331 10.66 -24.47 -21.60
N ASP B 332 11.46 -23.48 -21.20
CA ASP B 332 12.80 -23.71 -20.62
C ASP B 332 12.79 -24.70 -19.43
N LEU B 333 11.87 -24.49 -18.49
CA LEU B 333 11.74 -25.34 -17.29
C LEU B 333 11.30 -26.78 -17.62
N ALA B 334 10.27 -26.90 -18.46
CA ALA B 334 9.83 -28.21 -18.97
C ALA B 334 10.91 -28.86 -19.82
N GLY B 335 11.59 -28.06 -20.64
CA GLY B 335 12.75 -28.51 -21.41
C GLY B 335 13.84 -29.17 -20.57
N LYS B 336 14.28 -28.50 -19.52
CA LYS B 336 15.32 -29.02 -18.63
C LYS B 336 14.93 -30.28 -17.84
N ALA B 337 13.62 -30.56 -17.78
CA ALA B 337 13.09 -31.82 -17.23
C ALA B 337 12.82 -32.91 -18.29
N GLY B 338 13.31 -32.73 -19.51
CA GLY B 338 13.06 -33.66 -20.59
C GLY B 338 11.63 -33.67 -21.10
N LEU B 339 11.00 -32.50 -21.09
CA LEU B 339 9.65 -32.34 -21.64
C LEU B 339 9.63 -31.27 -22.74
N ARG B 340 8.73 -31.47 -23.71
CA ARG B 340 8.47 -30.46 -24.74
C ARG B 340 7.10 -29.86 -24.49
N ILE B 341 6.85 -28.68 -25.05
CA ILE B 341 5.55 -28.03 -24.98
C ILE B 341 4.79 -28.45 -26.23
N GLY B 342 3.66 -29.13 -26.02
CA GLY B 342 2.79 -29.56 -27.13
C GLY B 342 1.68 -28.56 -27.37
N ASP B 343 0.43 -29.04 -27.34
CA ASP B 343 -0.78 -28.21 -27.40
C ASP B 343 -0.75 -27.02 -26.42
N VAL B 344 -1.02 -25.81 -26.92
CA VAL B 344 -1.13 -24.59 -26.12
C VAL B 344 -2.43 -23.85 -26.44
N SER B 345 -3.48 -24.16 -25.68
CA SER B 345 -4.78 -23.50 -25.81
C SER B 345 -5.16 -22.83 -24.49
N THR B 347 -8.12 -21.07 -21.79
CA THR B 347 -9.47 -21.05 -21.21
C THR B 347 -10.16 -19.70 -21.53
N PRO B 348 -11.50 -19.70 -21.73
CA PRO B 348 -12.29 -18.45 -21.76
C PRO B 348 -12.03 -17.49 -20.58
N ARG B 349 -12.05 -18.03 -19.37
CA ARG B 349 -11.59 -17.35 -18.13
C ARG B 349 -10.10 -16.91 -18.04
N GLY B 350 -9.31 -17.11 -19.10
CA GLY B 350 -7.97 -16.48 -19.23
C GLY B 350 -6.76 -17.31 -18.82
N LEU B 351 -6.99 -18.57 -18.48
CA LEU B 351 -5.94 -19.49 -18.01
C LEU B 351 -5.31 -20.24 -19.19
N SER B 352 -3.96 -20.22 -19.28
CA SER B 352 -3.24 -20.99 -20.30
C SER B 352 -3.12 -22.45 -19.87
N LEU B 353 -3.33 -23.35 -20.84
CA LEU B 353 -3.26 -24.79 -20.63
C LEU B 353 -2.29 -25.39 -21.62
N VAL B 354 -1.31 -26.16 -21.12
CA VAL B 354 -0.30 -26.79 -22.00
C VAL B 354 -0.07 -28.27 -21.67
N VAL B 355 -0.16 -29.12 -22.68
CA VAL B 355 0.18 -30.54 -22.54
C VAL B 355 1.69 -30.70 -22.81
N CYS B 356 2.42 -31.19 -21.82
CA CYS B 356 3.83 -31.51 -21.97
C CYS B 356 3.99 -33.02 -22.16
N GLU B 357 4.85 -33.40 -23.12
CA GLU B 357 5.15 -34.80 -23.41
C GLU B 357 6.65 -34.98 -23.35
N ALA B 358 7.12 -36.21 -23.54
CA ALA B 358 8.57 -36.50 -23.56
C ALA B 358 9.28 -35.74 -24.68
N GLU B 359 10.42 -35.15 -24.35
CA GLU B 359 11.18 -34.27 -25.25
C GLU B 359 11.44 -34.90 -26.62
N THR B 360 11.91 -36.15 -26.60
CA THR B 360 12.41 -36.83 -27.82
C THR B 360 11.53 -38.06 -28.12
N SER B 361 11.27 -38.33 -29.41
CA SER B 361 10.20 -39.25 -29.83
C SER B 361 10.59 -40.25 -30.94
N ALA B 362 9.88 -41.39 -30.94
CA ALA B 362 9.98 -42.47 -31.95
C ALA B 362 11.34 -42.68 -32.61
#